data_2ONE
#
_entry.id   2ONE
#
_cell.length_a   63.100
_cell.length_b   110.000
_cell.length_c   66.200
_cell.angle_alpha   90.00
_cell.angle_beta   113.00
_cell.angle_gamma   90.00
#
_symmetry.space_group_name_H-M   'P 1 21 1'
#
loop_
_entity.id
_entity.type
_entity.pdbx_description
1 polymer ENOLASE
2 non-polymer 'MAGNESIUM ION'
3 non-polymer 'LITHIUM ION'
4 non-polymer '2-PHOSPHOGLYCERIC ACID'
5 non-polymer PHOSPHOENOLPYRUVATE
6 water water
#
_entity_poly.entity_id   1
_entity_poly.type   'polypeptide(L)'
_entity_poly.pdbx_seq_one_letter_code
;AVSKVYARSVYDSRGNPTVEVELTTEKGVFRSIVPSGASTGVHEALEMRDGDKSKWMGKGVLHAVKNVNDVIAPAFVKAN
IDVKDQKAVDDFLISLDGTANKSKLGANAILGVSLAASRAAAAEKNVPLYKHLADLSKSKTSPYVLPVPFLNVLNGGSHA
GGALALQEFMIAPTGAKTFAEALRIGSEVYHNLKSLTKKRYGASAGNVGDEGGVAPNIQTAEEALDLIVDAIKAAGHDGK
VKIGLDCASSEFFKDGKYDLDFKNPNSDKSKWLTGPQLADLYHSLMKRYPIVSIEDPFAEDDWEAWSHFFKTAGIQIVAD
DLTVTNPKRIATAIEKKAADALLLKVNQIGTLSESIKAAQDSFAAGWGVMVSHRSGETEDTFIADLVVGLRTGQIKTGAP
ARSERLAKLNQLLRIEEELGDNAVFAGENFHHGDKL
;
_entity_poly.pdbx_strand_id   A,B
#
loop_
_chem_comp.id
_chem_comp.type
_chem_comp.name
_chem_comp.formula
2PG non-polymer '2-PHOSPHOGLYCERIC ACID' 'C3 H7 O7 P'
LI non-polymer 'LITHIUM ION' 'Li 1'
MG non-polymer 'MAGNESIUM ION' 'Mg 2'
PEP non-polymer PHOSPHOENOLPYRUVATE 'C3 H5 O6 P'
#
# COMPACT_ATOMS: atom_id res chain seq x y z
N ALA A 1 12.99 23.97 21.02
CA ALA A 1 12.63 22.61 21.38
C ALA A 1 12.97 21.67 20.21
N VAL A 2 12.97 22.21 19.00
CA VAL A 2 13.34 21.27 17.89
C VAL A 2 14.83 21.02 18.11
N SER A 3 15.27 19.82 18.41
CA SER A 3 16.69 19.57 18.62
C SER A 3 17.39 18.95 17.42
N LYS A 4 16.66 18.47 16.41
CA LYS A 4 17.23 17.98 15.16
C LYS A 4 16.20 17.70 14.06
N VAL A 5 16.67 17.96 12.84
CA VAL A 5 15.93 17.75 11.59
C VAL A 5 16.71 16.78 10.71
N TYR A 6 16.09 15.76 10.12
CA TYR A 6 16.95 14.80 9.38
C TYR A 6 16.22 14.18 8.22
N ALA A 7 16.75 14.05 7.03
CA ALA A 7 16.07 13.35 5.94
C ALA A 7 16.80 12.05 5.54
N ARG A 8 16.03 11.22 4.86
CA ARG A 8 16.43 9.94 4.27
C ARG A 8 15.48 9.65 3.09
N SER A 9 16.05 8.82 2.23
CA SER A 9 15.29 8.38 1.02
C SER A 9 14.48 7.11 1.37
N VAL A 10 13.21 7.10 1.05
CA VAL A 10 12.38 5.90 1.23
C VAL A 10 11.70 5.74 -0.15
N TYR A 11 10.89 4.70 -0.25
CA TYR A 11 10.17 4.41 -1.50
C TYR A 11 8.69 4.80 -1.49
N ASP A 12 8.15 5.24 -2.61
CA ASP A 12 6.78 5.60 -2.74
C ASP A 12 6.14 4.27 -3.22
N SER A 13 4.82 4.53 -3.55
CA SER A 13 4.05 3.30 -3.72
C SER A 13 4.27 2.71 -5.12
N ARG A 14 5.13 3.33 -5.90
CA ARG A 14 5.45 2.78 -7.25
C ARG A 14 6.72 2.02 -7.22
N GLY A 15 7.50 2.22 -6.14
CA GLY A 15 8.88 1.94 -6.07
C GLY A 15 9.81 3.07 -6.40
N ASN A 16 9.47 4.35 -6.49
CA ASN A 16 10.49 5.36 -6.79
C ASN A 16 10.95 5.92 -5.45
N PRO A 17 12.16 6.45 -5.38
CA PRO A 17 12.65 7.08 -4.14
C PRO A 17 11.89 8.35 -3.77
N THR A 18 11.79 8.58 -2.42
CA THR A 18 11.10 9.81 -1.94
C THR A 18 11.82 10.16 -0.63
N VAL A 19 11.49 11.39 -0.25
CA VAL A 19 12.10 12.01 0.95
C VAL A 19 11.22 11.74 2.20
N GLU A 20 11.96 11.27 3.22
CA GLU A 20 11.23 11.22 4.53
C GLU A 20 12.05 12.09 5.50
N VAL A 21 11.30 12.90 6.24
CA VAL A 21 11.79 13.87 7.20
C VAL A 21 11.37 13.50 8.63
N GLU A 22 12.34 13.36 9.49
CA GLU A 22 12.18 13.16 10.95
C GLU A 22 12.55 14.41 11.75
N LEU A 23 11.67 14.91 12.61
CA LEU A 23 11.93 16.10 13.46
C LEU A 23 11.70 15.67 14.91
N THR A 24 12.73 15.92 15.68
CA THR A 24 12.90 15.62 17.08
C THR A 24 12.82 16.87 17.99
N THR A 25 11.98 16.64 18.98
CA THR A 25 11.75 17.60 20.06
C THR A 25 11.67 16.78 21.35
N GLU A 26 11.56 17.54 22.43
CA GLU A 26 11.50 16.97 23.77
C GLU A 26 10.32 15.99 23.80
N LYS A 27 9.35 16.17 22.97
CA LYS A 27 8.23 15.20 23.03
C LYS A 27 8.39 14.01 22.11
N GLY A 28 9.43 13.92 21.26
CA GLY A 28 9.56 12.71 20.44
C GLY A 28 10.03 12.99 19.02
N VAL A 29 9.90 11.97 18.19
CA VAL A 29 10.27 12.08 16.76
C VAL A 29 9.02 12.20 15.90
N PHE A 30 8.89 13.21 15.08
CA PHE A 30 7.70 13.36 14.21
C PHE A 30 8.21 13.11 12.79
N ARG A 31 7.54 12.30 12.01
CA ARG A 31 8.04 11.89 10.69
C ARG A 31 7.00 12.26 9.67
N SER A 32 7.53 12.69 8.54
CA SER A 32 6.72 13.05 7.38
C SER A 32 7.30 12.43 6.09
N ILE A 33 6.42 12.00 5.17
CA ILE A 33 6.87 11.40 3.92
C ILE A 33 6.23 12.22 2.80
N VAL A 34 7.01 12.62 1.82
CA VAL A 34 6.49 13.44 0.71
C VAL A 34 6.01 12.51 -0.43
N PRO A 35 4.81 12.76 -0.92
CA PRO A 35 4.27 11.99 -2.05
C PRO A 35 4.94 12.42 -3.38
N SER A 36 4.41 11.84 -4.49
CA SER A 36 4.92 12.15 -5.84
C SER A 36 3.89 11.94 -6.93
N GLY A 37 3.63 12.86 -7.84
CA GLY A 37 2.57 12.77 -8.86
C GLY A 37 3.05 12.23 -10.22
N ALA A 38 2.16 11.81 -11.09
CA ALA A 38 2.50 11.29 -12.43
C ALA A 38 2.05 12.34 -13.47
N SER A 39 0.81 12.68 -13.25
CA SER A 39 0.04 13.73 -13.91
C SER A 39 0.34 15.11 -13.30
N THR A 40 1.57 15.57 -13.41
CA THR A 40 1.89 16.87 -12.76
C THR A 40 1.74 18.09 -13.66
N GLY A 41 1.06 19.10 -13.15
CA GLY A 41 0.82 20.39 -13.81
C GLY A 41 2.14 21.12 -14.01
N VAL A 42 2.23 21.81 -15.13
CA VAL A 42 3.40 22.61 -15.53
C VAL A 42 3.76 23.58 -14.38
N HIS A 43 2.76 24.12 -13.71
CA HIS A 43 3.00 25.12 -12.68
C HIS A 43 3.20 24.57 -11.27
N GLU A 44 3.44 23.29 -11.11
CA GLU A 44 3.72 22.74 -9.77
C GLU A 44 5.07 23.27 -9.28
N ALA A 45 5.27 23.36 -7.98
CA ALA A 45 6.54 23.79 -7.38
C ALA A 45 7.50 22.66 -7.73
N LEU A 46 8.80 22.96 -7.75
CA LEU A 46 9.76 21.96 -8.17
C LEU A 46 10.02 20.73 -7.31
N GLU A 47 9.84 19.55 -7.88
CA GLU A 47 10.25 18.30 -7.22
C GLU A 47 11.68 18.05 -7.67
N MET A 48 12.69 18.06 -6.84
CA MET A 48 14.09 17.88 -7.26
C MET A 48 14.46 16.40 -7.38
N ARG A 49 15.19 16.07 -8.45
CA ARG A 49 15.63 14.69 -8.64
C ARG A 49 17.09 14.71 -9.01
N ASP A 50 17.83 13.70 -8.68
CA ASP A 50 19.27 13.57 -8.87
C ASP A 50 19.71 13.55 -10.32
N GLY A 51 19.02 12.82 -11.15
CA GLY A 51 19.35 12.78 -12.59
C GLY A 51 20.56 11.91 -12.82
N ASP A 52 20.96 11.18 -11.78
CA ASP A 52 22.06 10.20 -11.95
C ASP A 52 21.46 8.89 -12.55
N LYS A 53 21.75 8.76 -13.83
CA LYS A 53 21.27 7.69 -14.69
C LYS A 53 21.62 6.29 -14.17
N SER A 54 22.79 6.11 -13.57
CA SER A 54 23.04 4.76 -13.02
C SER A 54 21.96 4.44 -11.99
N LYS A 55 21.90 5.06 -10.84
CA LYS A 55 21.06 4.94 -9.66
C LYS A 55 19.61 5.33 -9.91
N TRP A 56 18.70 4.40 -9.65
CA TRP A 56 17.25 4.62 -9.77
C TRP A 56 16.83 5.13 -11.15
N MET A 57 17.66 4.90 -12.15
CA MET A 57 17.35 5.42 -13.49
C MET A 57 17.24 6.94 -13.40
N GLY A 58 18.01 7.60 -12.55
CA GLY A 58 17.98 9.04 -12.44
C GLY A 58 16.89 9.66 -11.58
N LYS A 59 16.21 8.86 -10.78
CA LYS A 59 15.10 9.33 -9.98
C LYS A 59 15.45 9.46 -8.51
N GLY A 60 16.69 9.20 -8.12
CA GLY A 60 16.98 9.27 -6.66
C GLY A 60 16.67 10.70 -6.23
N VAL A 61 16.62 10.89 -4.91
CA VAL A 61 16.34 12.20 -4.27
C VAL A 61 17.48 12.58 -3.32
N LEU A 62 18.68 11.99 -3.44
CA LEU A 62 19.79 12.25 -2.55
C LEU A 62 20.17 13.75 -2.47
N HIS A 63 19.85 14.56 -3.45
CA HIS A 63 20.14 16.00 -3.41
C HIS A 63 19.11 16.69 -2.49
N ALA A 64 17.81 16.45 -2.64
CA ALA A 64 16.79 17.03 -1.76
C ALA A 64 16.99 16.66 -0.27
N VAL A 65 17.42 15.42 -0.01
CA VAL A 65 17.70 14.87 1.31
C VAL A 65 18.90 15.66 1.82
N LYS A 66 19.98 15.78 1.07
CA LYS A 66 21.19 16.54 1.45
C LYS A 66 20.87 18.00 1.83
N ASN A 67 19.95 18.56 1.07
CA ASN A 67 19.47 19.92 1.31
C ASN A 67 18.86 20.01 2.72
N VAL A 68 18.02 19.01 3.00
CA VAL A 68 17.41 18.91 4.32
C VAL A 68 18.49 18.83 5.40
N ASN A 69 19.36 17.84 5.32
CA ASN A 69 20.41 17.59 6.30
C ASN A 69 21.50 18.67 6.34
N ASP A 70 21.91 19.18 5.22
CA ASP A 70 23.02 20.14 5.16
C ASP A 70 22.60 21.59 5.16
N VAL A 71 21.45 21.86 4.59
CA VAL A 71 21.01 23.27 4.51
C VAL A 71 19.94 23.64 5.52
N ILE A 72 18.74 23.19 5.39
CA ILE A 72 17.67 23.54 6.30
C ILE A 72 17.98 23.18 7.74
N ALA A 73 18.42 21.98 8.06
CA ALA A 73 18.54 21.48 9.43
C ALA A 73 19.33 22.37 10.39
N PRO A 74 20.61 22.52 10.08
CA PRO A 74 21.52 23.34 10.86
C PRO A 74 20.85 24.68 11.19
N ALA A 75 20.41 25.41 10.19
CA ALA A 75 19.67 26.66 10.28
C ALA A 75 18.27 26.58 10.92
N PHE A 76 17.52 25.51 10.70
CA PHE A 76 16.19 25.41 11.30
C PHE A 76 16.36 25.39 12.84
N VAL A 77 17.29 24.53 13.19
CA VAL A 77 17.61 24.18 14.58
C VAL A 77 18.22 25.42 15.25
N LYS A 78 18.95 26.23 14.51
CA LYS A 78 19.55 27.37 15.24
C LYS A 78 18.55 28.53 15.38
N ALA A 79 17.45 28.51 14.65
CA ALA A 79 16.51 29.63 14.75
C ALA A 79 15.57 29.43 15.93
N ASN A 80 15.63 28.22 16.43
CA ASN A 80 14.77 27.83 17.58
C ASN A 80 13.42 28.54 17.46
N ILE A 81 12.66 28.05 16.49
CA ILE A 81 11.32 28.50 16.13
C ILE A 81 10.27 27.66 16.87
N ASP A 82 9.15 28.29 17.13
CA ASP A 82 8.00 27.61 17.74
C ASP A 82 7.25 26.89 16.61
N VAL A 83 7.32 25.58 16.69
CA VAL A 83 6.62 24.64 15.80
C VAL A 83 5.11 24.91 15.84
N LYS A 84 4.63 25.43 16.95
CA LYS A 84 3.18 25.75 17.04
C LYS A 84 2.80 26.90 16.13
N ASP A 85 3.76 27.71 15.69
CA ASP A 85 3.62 28.87 14.81
C ASP A 85 3.99 28.40 13.38
N GLN A 86 2.98 27.83 12.74
CA GLN A 86 3.14 27.21 11.44
C GLN A 86 3.64 28.25 10.43
N LYS A 87 3.06 29.46 10.55
CA LYS A 87 3.40 30.54 9.60
C LYS A 87 4.89 30.82 9.70
N ALA A 88 5.37 31.05 10.93
CA ALA A 88 6.78 31.39 11.13
C ALA A 88 7.61 30.23 10.66
N VAL A 89 7.13 29.01 10.84
CA VAL A 89 7.89 27.83 10.36
C VAL A 89 8.16 27.87 8.86
N ASP A 90 7.10 28.18 8.12
CA ASP A 90 7.12 28.14 6.68
C ASP A 90 7.82 29.39 6.11
N ASP A 91 7.53 30.54 6.78
CA ASP A 91 8.16 31.79 6.30
C ASP A 91 9.67 31.52 6.30
N PHE A 92 10.10 30.84 7.34
CA PHE A 92 11.52 30.48 7.48
C PHE A 92 12.02 29.61 6.31
N LEU A 93 11.26 28.56 5.94
CA LEU A 93 11.74 27.63 4.88
C LEU A 93 11.71 28.39 3.57
N ILE A 94 10.61 29.10 3.41
CA ILE A 94 10.41 29.81 2.15
C ILE A 94 11.56 30.76 1.79
N SER A 95 12.07 31.48 2.78
CA SER A 95 13.19 32.40 2.50
C SER A 95 14.53 31.71 2.40
N LEU A 96 14.79 30.61 3.05
CA LEU A 96 16.02 29.78 2.85
C LEU A 96 16.10 29.41 1.35
N ASP A 97 14.98 29.09 0.75
CA ASP A 97 14.95 28.69 -0.67
C ASP A 97 15.21 29.93 -1.54
N GLY A 98 14.30 30.86 -1.36
CA GLY A 98 14.26 32.17 -1.94
C GLY A 98 13.85 32.23 -3.38
N THR A 99 12.99 31.34 -3.81
CA THR A 99 12.48 31.24 -5.18
C THR A 99 10.98 31.06 -5.18
N ALA A 100 10.39 31.40 -6.28
CA ALA A 100 8.96 31.37 -6.55
C ALA A 100 8.38 29.98 -6.55
N ASN A 101 9.25 29.10 -7.00
CA ASN A 101 9.01 27.69 -7.32
C ASN A 101 9.74 26.75 -6.39
N LYS A 102 10.48 27.14 -5.37
CA LYS A 102 11.16 26.13 -4.51
C LYS A 102 12.12 25.25 -5.34
N SER A 103 12.63 25.90 -6.36
CA SER A 103 13.59 25.44 -7.34
C SER A 103 15.01 25.50 -6.80
N LYS A 104 15.25 26.14 -5.66
CA LYS A 104 16.64 26.07 -5.12
C LYS A 104 16.76 24.95 -4.12
N LEU A 105 15.84 24.71 -3.21
CA LEU A 105 15.88 23.59 -2.25
C LEU A 105 15.05 22.40 -2.75
N GLY A 106 14.04 22.65 -3.54
CA GLY A 106 13.13 21.64 -4.04
C GLY A 106 11.91 21.57 -3.12
N ALA A 107 10.71 21.56 -3.69
CA ALA A 107 9.52 21.45 -2.87
C ALA A 107 9.64 20.18 -2.01
N ASN A 108 10.35 19.20 -2.54
CA ASN A 108 10.40 17.90 -1.81
C ASN A 108 11.37 18.02 -0.63
N ALA A 109 12.25 19.01 -0.52
CA ALA A 109 13.05 19.17 0.71
C ALA A 109 12.18 19.91 1.77
N ILE A 110 11.48 20.96 1.35
CA ILE A 110 10.74 21.83 2.22
C ILE A 110 9.54 21.16 2.87
N LEU A 111 8.60 20.58 2.13
CA LEU A 111 7.36 20.02 2.62
C LEU A 111 7.43 19.15 3.86
N GLY A 112 8.37 18.24 3.81
CA GLY A 112 8.51 17.32 4.93
C GLY A 112 8.88 18.04 6.24
N VAL A 113 9.61 19.15 6.21
CA VAL A 113 9.96 19.92 7.40
C VAL A 113 8.68 20.67 7.81
N SER A 114 7.98 21.11 6.79
CA SER A 114 6.69 21.83 7.02
C SER A 114 5.73 20.91 7.82
N LEU A 115 5.47 19.77 7.16
CA LEU A 115 4.51 18.80 7.69
C LEU A 115 4.90 18.21 9.05
N ALA A 116 6.15 17.86 9.22
CA ALA A 116 6.57 17.22 10.49
C ALA A 116 6.48 18.14 11.72
N ALA A 117 6.46 19.44 11.43
CA ALA A 117 6.43 20.54 12.41
C ALA A 117 5.01 20.63 12.97
N SER A 118 4.02 20.43 12.11
CA SER A 118 2.62 20.41 12.55
C SER A 118 2.35 19.21 13.45
N ARG A 119 3.02 18.08 13.17
CA ARG A 119 2.93 16.90 13.98
C ARG A 119 3.53 17.15 15.38
N ALA A 120 4.67 17.72 15.52
CA ALA A 120 5.46 18.11 16.69
C ALA A 120 4.67 19.12 17.53
N ALA A 121 3.98 20.04 16.94
CA ALA A 121 3.12 21.05 17.56
C ALA A 121 1.86 20.42 18.10
N ALA A 122 1.29 19.44 17.36
CA ALA A 122 0.04 18.79 17.88
C ALA A 122 0.39 18.09 19.17
N ALA A 123 1.59 17.53 19.20
CA ALA A 123 2.13 16.76 20.31
C ALA A 123 2.40 17.67 21.52
N GLU A 124 2.95 18.84 21.28
CA GLU A 124 3.20 19.78 22.41
C GLU A 124 1.90 20.12 23.13
N LYS A 125 0.87 20.25 22.32
CA LYS A 125 -0.44 20.63 22.83
C LYS A 125 -1.26 19.41 23.24
N ASN A 126 -0.79 18.19 23.14
CA ASN A 126 -1.59 17.04 23.58
C ASN A 126 -2.96 16.98 22.91
N VAL A 127 -2.96 17.27 21.61
CA VAL A 127 -4.18 17.12 20.82
C VAL A 127 -3.84 16.26 19.57
N PRO A 128 -4.92 15.71 19.01
CA PRO A 128 -4.86 14.99 17.74
C PRO A 128 -4.47 15.98 16.62
N LEU A 129 -3.70 15.44 15.69
CA LEU A 129 -3.28 16.18 14.52
C LEU A 129 -4.46 16.92 13.89
N TYR A 130 -5.56 16.30 13.59
CA TYR A 130 -6.66 17.05 12.98
C TYR A 130 -7.18 18.21 13.83
N LYS A 131 -6.98 18.21 15.16
CA LYS A 131 -7.52 19.26 16.00
C LYS A 131 -6.68 20.52 15.86
N HIS A 132 -5.39 20.28 15.79
CA HIS A 132 -4.38 21.36 15.61
C HIS A 132 -4.53 22.02 14.24
N LEU A 133 -4.78 21.21 13.24
CA LEU A 133 -4.96 21.70 11.86
C LEU A 133 -6.20 22.59 11.77
N ALA A 134 -7.24 22.18 12.51
CA ALA A 134 -8.47 22.96 12.62
C ALA A 134 -8.08 24.30 13.24
N ASP A 135 -7.22 24.32 14.24
CA ASP A 135 -6.80 25.52 14.95
C ASP A 135 -6.15 26.53 13.99
N LEU A 136 -5.12 26.03 13.40
CA LEU A 136 -4.33 26.72 12.38
C LEU A 136 -5.15 27.40 11.28
N SER A 137 -6.01 26.58 10.67
CA SER A 137 -6.84 27.05 9.55
C SER A 137 -8.06 27.75 10.09
N LYS A 138 -8.22 27.77 11.39
CA LYS A 138 -9.39 28.39 12.06
C LYS A 138 -10.71 27.81 11.59
N SER A 139 -10.83 26.50 11.54
CA SER A 139 -12.07 25.85 11.11
C SER A 139 -13.01 25.66 12.31
N LYS A 140 -14.29 25.45 12.04
CA LYS A 140 -15.32 25.15 13.04
C LYS A 140 -15.05 23.71 13.49
N THR A 141 -15.28 23.44 14.76
CA THR A 141 -15.01 22.11 15.26
C THR A 141 -16.22 21.61 16.05
N SER A 142 -17.39 22.15 15.81
CA SER A 142 -18.56 21.58 16.48
C SER A 142 -19.77 21.68 15.56
N PRO A 143 -20.00 20.59 14.86
CA PRO A 143 -19.17 19.37 14.93
C PRO A 143 -18.11 19.50 13.81
N TYR A 144 -17.26 18.50 13.76
CA TYR A 144 -16.22 18.13 12.79
C TYR A 144 -16.93 17.40 11.62
N VAL A 145 -16.47 17.66 10.42
CA VAL A 145 -17.01 17.13 9.17
C VAL A 145 -16.16 16.01 8.54
N LEU A 146 -16.84 14.87 8.49
CA LEU A 146 -16.35 13.61 7.97
C LEU A 146 -16.62 13.75 6.47
N PRO A 147 -15.61 13.47 5.67
CA PRO A 147 -15.65 13.68 4.26
C PRO A 147 -16.22 12.52 3.43
N VAL A 148 -16.84 12.93 2.29
CA VAL A 148 -17.25 11.87 1.34
C VAL A 148 -16.01 11.38 0.56
N PRO A 149 -15.74 10.09 0.60
CA PRO A 149 -14.54 9.57 -0.09
C PRO A 149 -14.90 9.38 -1.57
N PHE A 150 -14.16 9.93 -2.49
CA PHE A 150 -14.13 9.86 -3.95
C PHE A 150 -13.06 8.81 -4.25
N LEU A 151 -13.60 7.56 -4.32
CA LEU A 151 -12.81 6.34 -4.55
C LEU A 151 -12.60 6.08 -6.07
N ASN A 152 -11.38 6.05 -6.51
CA ASN A 152 -10.95 5.82 -7.89
C ASN A 152 -10.99 4.31 -8.18
N VAL A 153 -12.04 3.89 -8.84
CA VAL A 153 -12.32 2.49 -9.14
C VAL A 153 -11.76 1.95 -10.43
N LEU A 154 -11.84 2.78 -11.44
CA LEU A 154 -11.40 2.42 -12.78
C LEU A 154 -10.36 3.49 -13.09
N ASN A 155 -9.12 3.01 -13.23
CA ASN A 155 -7.97 3.86 -13.58
C ASN A 155 -7.64 3.78 -15.07
N GLY A 156 -7.45 5.00 -15.56
CA GLY A 156 -7.07 5.29 -16.95
C GLY A 156 -5.80 6.17 -17.02
N GLY A 157 -5.73 6.73 -18.21
CA GLY A 157 -4.71 7.67 -18.63
C GLY A 157 -3.30 7.32 -18.21
N SER A 158 -2.69 8.33 -17.59
CA SER A 158 -1.32 8.27 -17.07
C SER A 158 -1.25 7.34 -15.85
N HIS A 159 -2.37 6.95 -15.27
CA HIS A 159 -2.37 6.08 -14.08
C HIS A 159 -2.34 4.59 -14.34
N ALA A 160 -2.60 4.24 -15.62
CA ALA A 160 -2.67 2.84 -16.05
C ALA A 160 -2.36 2.68 -17.55
N GLY A 161 -1.99 1.43 -17.80
CA GLY A 161 -1.71 0.94 -19.17
C GLY A 161 -3.03 0.60 -19.91
N GLY A 162 -3.04 0.90 -21.21
CA GLY A 162 -4.18 0.58 -22.08
C GLY A 162 -4.60 1.81 -22.86
N ALA A 163 -5.75 1.81 -23.51
CA ALA A 163 -6.25 2.89 -24.35
C ALA A 163 -6.83 4.16 -23.71
N LEU A 164 -7.60 4.01 -22.63
CA LEU A 164 -8.40 5.03 -21.94
C LEU A 164 -7.71 6.34 -21.52
N ALA A 165 -8.29 7.39 -22.10
CA ALA A 165 -7.91 8.80 -22.00
C ALA A 165 -8.29 9.39 -20.65
N LEU A 166 -9.58 9.32 -20.27
CA LEU A 166 -9.94 9.92 -18.95
C LEU A 166 -9.13 9.19 -17.92
N GLN A 167 -8.44 9.89 -17.05
CA GLN A 167 -7.50 9.27 -16.12
C GLN A 167 -8.13 8.52 -14.98
N GLU A 168 -9.13 9.12 -14.35
CA GLU A 168 -9.83 8.60 -13.19
C GLU A 168 -11.34 8.53 -13.33
N PHE A 169 -11.87 7.46 -12.73
CA PHE A 169 -13.36 7.31 -12.73
C PHE A 169 -13.66 7.02 -11.27
N MET A 170 -14.46 7.77 -10.57
CA MET A 170 -14.63 7.64 -9.12
C MET A 170 -16.07 7.33 -8.77
N ILE A 171 -16.25 6.74 -7.62
CA ILE A 171 -17.59 6.56 -7.04
C ILE A 171 -17.49 7.27 -5.68
N ALA A 172 -18.61 7.91 -5.44
CA ALA A 172 -18.81 8.72 -4.24
C ALA A 172 -20.09 8.26 -3.55
N PRO A 173 -19.93 7.64 -2.38
CA PRO A 173 -21.11 7.17 -1.62
C PRO A 173 -21.78 8.29 -0.86
N THR A 174 -22.42 9.26 -1.49
CA THR A 174 -22.99 10.39 -0.71
C THR A 174 -24.24 10.03 0.09
N GLY A 175 -24.79 8.85 -0.16
CA GLY A 175 -26.05 8.38 0.42
C GLY A 175 -25.94 7.62 1.72
N ALA A 176 -24.68 7.33 2.07
CA ALA A 176 -24.35 6.69 3.35
C ALA A 176 -24.60 7.76 4.41
N LYS A 177 -24.81 7.28 5.61
CA LYS A 177 -25.10 8.16 6.75
C LYS A 177 -23.86 8.37 7.59
N THR A 178 -22.85 7.53 7.49
CA THR A 178 -21.59 7.55 8.20
C THR A 178 -20.46 7.24 7.23
N PHE A 179 -19.25 7.51 7.67
CA PHE A 179 -18.00 7.22 6.95
C PHE A 179 -17.81 5.69 6.96
N ALA A 180 -18.01 5.03 8.09
CA ALA A 180 -17.81 3.56 8.05
C ALA A 180 -18.70 2.95 6.95
N GLU A 181 -19.89 3.41 6.81
CA GLU A 181 -20.90 2.96 5.85
C GLU A 181 -20.50 3.34 4.42
N ALA A 182 -20.00 4.54 4.22
CA ALA A 182 -19.60 4.99 2.88
C ALA A 182 -18.43 4.12 2.42
N LEU A 183 -17.58 3.68 3.34
CA LEU A 183 -16.47 2.81 2.95
C LEU A 183 -16.92 1.34 2.64
N ARG A 184 -17.86 0.90 3.45
CA ARG A 184 -18.41 -0.43 3.30
C ARG A 184 -19.10 -0.51 1.90
N ILE A 185 -19.97 0.42 1.63
CA ILE A 185 -20.64 0.62 0.34
C ILE A 185 -19.66 0.70 -0.82
N GLY A 186 -18.66 1.59 -0.75
CA GLY A 186 -17.60 1.74 -1.74
C GLY A 186 -16.79 0.48 -1.98
N SER A 187 -16.34 -0.26 -0.99
CA SER A 187 -15.61 -1.50 -1.25
C SER A 187 -16.52 -2.59 -1.88
N GLU A 188 -17.82 -2.60 -1.55
CA GLU A 188 -18.78 -3.59 -2.08
C GLU A 188 -18.92 -3.40 -3.59
N VAL A 189 -19.01 -2.14 -3.96
CA VAL A 189 -19.15 -1.77 -5.37
C VAL A 189 -17.91 -2.18 -6.20
N TYR A 190 -16.78 -1.83 -5.60
CA TYR A 190 -15.45 -2.13 -6.10
C TYR A 190 -15.29 -3.67 -6.21
N HIS A 191 -15.79 -4.48 -5.25
CA HIS A 191 -15.48 -5.90 -5.46
C HIS A 191 -16.32 -6.44 -6.60
N ASN A 192 -17.48 -5.88 -6.83
CA ASN A 192 -18.42 -6.22 -7.89
C ASN A 192 -17.80 -5.70 -9.18
N LEU A 193 -17.38 -4.47 -9.18
CA LEU A 193 -16.76 -3.89 -10.39
C LEU A 193 -15.63 -4.79 -10.86
N LYS A 194 -14.80 -5.23 -9.97
CA LYS A 194 -13.67 -6.09 -10.31
C LYS A 194 -14.08 -7.42 -10.97
N SER A 195 -15.07 -8.01 -10.33
CA SER A 195 -15.66 -9.29 -10.72
C SER A 195 -16.26 -9.15 -12.11
N LEU A 196 -17.02 -8.13 -12.38
CA LEU A 196 -17.62 -7.87 -13.68
C LEU A 196 -16.56 -7.70 -14.78
N THR A 197 -15.44 -7.14 -14.37
CA THR A 197 -14.34 -6.73 -15.26
C THR A 197 -13.61 -7.91 -15.87
N LYS A 198 -13.31 -8.87 -15.07
CA LYS A 198 -12.70 -10.15 -15.42
C LYS A 198 -13.72 -11.02 -16.17
N LYS A 199 -14.97 -10.89 -15.76
CA LYS A 199 -16.00 -11.71 -16.46
C LYS A 199 -15.94 -11.28 -17.92
N ARG A 200 -16.09 -10.00 -18.17
CA ARG A 200 -16.11 -9.39 -19.46
C ARG A 200 -14.78 -9.16 -20.19
N TYR A 201 -13.71 -8.87 -19.45
CA TYR A 201 -12.48 -8.43 -20.13
C TYR A 201 -11.33 -9.39 -19.96
N GLY A 202 -11.58 -10.43 -19.19
CA GLY A 202 -10.51 -11.45 -18.98
C GLY A 202 -9.83 -11.01 -17.68
N ALA A 203 -9.12 -11.96 -17.12
CA ALA A 203 -8.38 -11.89 -15.86
C ALA A 203 -7.41 -10.72 -15.70
N SER A 204 -6.75 -10.43 -16.78
CA SER A 204 -5.73 -9.39 -16.90
C SER A 204 -6.38 -8.03 -16.61
N ALA A 205 -7.57 -7.89 -17.15
CA ALA A 205 -8.34 -6.64 -17.04
C ALA A 205 -8.51 -6.29 -15.57
N GLY A 206 -8.41 -7.31 -14.74
CA GLY A 206 -8.59 -7.29 -13.30
C GLY A 206 -7.47 -6.71 -12.47
N ASN A 207 -6.28 -6.57 -13.00
CA ASN A 207 -5.11 -6.01 -12.32
C ASN A 207 -5.36 -4.50 -12.19
N VAL A 208 -4.45 -3.92 -11.42
CA VAL A 208 -4.74 -2.52 -11.03
C VAL A 208 -3.76 -1.47 -11.54
N GLY A 209 -4.31 -0.25 -11.62
CA GLY A 209 -3.39 0.84 -11.97
C GLY A 209 -2.71 1.33 -10.70
N ASP A 210 -1.99 2.44 -10.81
CA ASP A 210 -1.24 3.06 -9.70
C ASP A 210 -2.08 3.43 -8.49
N GLU A 211 -3.34 3.76 -8.71
CA GLU A 211 -4.16 4.19 -7.58
C GLU A 211 -5.10 3.14 -7.09
N GLY A 212 -4.87 1.89 -7.51
CA GLY A 212 -5.70 0.78 -7.05
C GLY A 212 -6.98 0.55 -7.81
N GLY A 213 -7.16 1.32 -8.88
CA GLY A 213 -8.38 1.01 -9.69
C GLY A 213 -7.99 -0.09 -10.70
N VAL A 214 -9.04 -0.82 -11.08
CA VAL A 214 -8.90 -1.82 -12.17
C VAL A 214 -8.60 -1.02 -13.43
N ALA A 215 -7.92 -1.59 -14.40
CA ALA A 215 -7.56 -0.93 -15.68
C ALA A 215 -7.77 -1.80 -16.94
N PRO A 216 -9.04 -2.04 -17.30
CA PRO A 216 -9.40 -2.80 -18.51
C PRO A 216 -8.94 -2.05 -19.77
N ASN A 217 -8.68 -2.76 -20.87
CA ASN A 217 -8.25 -1.99 -22.07
C ASN A 217 -9.51 -1.55 -22.80
N ILE A 218 -10.19 -0.57 -22.31
CA ILE A 218 -11.43 0.09 -22.70
C ILE A 218 -11.04 1.27 -23.60
N GLN A 219 -11.89 1.53 -24.55
CA GLN A 219 -11.64 2.56 -25.57
C GLN A 219 -12.44 3.80 -25.28
N THR A 220 -13.67 3.63 -24.81
CA THR A 220 -14.47 4.83 -24.48
C THR A 220 -14.91 4.96 -23.01
N ALA A 221 -15.19 6.19 -22.63
CA ALA A 221 -15.74 6.65 -21.37
C ALA A 221 -17.07 5.97 -21.08
N GLU A 222 -17.95 5.88 -22.04
CA GLU A 222 -19.27 5.28 -21.94
C GLU A 222 -19.26 3.83 -21.49
N GLU A 223 -18.32 3.11 -22.08
CA GLU A 223 -18.09 1.71 -21.75
C GLU A 223 -17.68 1.58 -20.27
N ALA A 224 -16.80 2.50 -19.87
CA ALA A 224 -16.28 2.60 -18.51
C ALA A 224 -17.45 2.86 -17.54
N LEU A 225 -18.24 3.88 -17.81
CA LEU A 225 -19.38 4.32 -16.98
C LEU A 225 -20.42 3.23 -16.98
N ASP A 226 -20.80 2.69 -18.15
CA ASP A 226 -21.80 1.57 -18.13
C ASP A 226 -21.36 0.46 -17.17
N LEU A 227 -20.10 0.04 -17.29
CA LEU A 227 -19.56 -0.99 -16.41
C LEU A 227 -19.76 -0.68 -14.92
N ILE A 228 -19.37 0.57 -14.56
CA ILE A 228 -19.44 1.08 -13.18
C ILE A 228 -20.89 1.07 -12.72
N VAL A 229 -21.76 1.71 -13.52
CA VAL A 229 -23.16 1.59 -13.07
C VAL A 229 -23.58 0.13 -13.10
N ASP A 230 -23.09 -0.82 -13.92
CA ASP A 230 -23.58 -2.17 -13.66
C ASP A 230 -23.14 -2.62 -12.25
N ALA A 231 -21.95 -2.16 -11.87
CA ALA A 231 -21.35 -2.58 -10.61
C ALA A 231 -22.11 -2.02 -9.42
N ILE A 232 -22.56 -0.79 -9.47
CA ILE A 232 -23.30 -0.16 -8.38
C ILE A 232 -24.58 -0.97 -8.18
N LYS A 233 -25.26 -1.19 -9.30
CA LYS A 233 -26.52 -1.93 -9.41
C LYS A 233 -26.38 -3.33 -8.86
N ALA A 234 -25.29 -3.98 -9.25
CA ALA A 234 -24.98 -5.33 -8.82
C ALA A 234 -24.72 -5.41 -7.30
N ALA A 235 -24.16 -4.32 -6.75
CA ALA A 235 -23.79 -4.36 -5.33
C ALA A 235 -25.03 -4.08 -4.52
N GLY A 236 -26.07 -3.63 -5.16
CA GLY A 236 -27.32 -3.24 -4.58
C GLY A 236 -27.33 -1.83 -3.99
N HIS A 237 -26.50 -0.93 -4.50
CA HIS A 237 -26.46 0.41 -3.87
C HIS A 237 -26.86 1.54 -4.80
N ASP A 238 -27.69 1.17 -5.75
CA ASP A 238 -28.15 2.16 -6.76
C ASP A 238 -28.79 3.30 -5.94
N GLY A 239 -28.40 4.53 -6.30
CA GLY A 239 -28.98 5.71 -5.67
C GLY A 239 -28.12 6.27 -4.54
N LYS A 240 -27.49 5.37 -3.81
CA LYS A 240 -26.64 5.77 -2.69
C LYS A 240 -25.29 6.21 -3.22
N VAL A 241 -25.05 5.95 -4.52
CA VAL A 241 -23.74 6.23 -5.14
C VAL A 241 -23.77 7.09 -6.39
N LYS A 242 -22.85 8.08 -6.32
CA LYS A 242 -22.68 9.02 -7.43
C LYS A 242 -21.27 8.85 -8.05
N ILE A 243 -21.12 9.56 -9.19
CA ILE A 243 -19.85 9.49 -9.92
C ILE A 243 -19.12 10.82 -9.98
N GLY A 244 -17.79 10.68 -10.01
CA GLY A 244 -16.91 11.87 -10.21
C GLY A 244 -15.83 11.43 -11.21
N LEU A 245 -15.40 12.36 -12.04
CA LEU A 245 -14.37 12.14 -13.05
C LEU A 245 -13.18 13.08 -12.82
N ASP A 246 -12.05 12.55 -13.30
CA ASP A 246 -10.85 13.36 -13.37
C ASP A 246 -10.39 13.16 -14.82
N CYS A 247 -10.66 14.09 -15.71
CA CYS A 247 -10.19 13.90 -17.08
C CYS A 247 -8.69 14.12 -17.31
N ALA A 248 -7.99 14.77 -16.39
CA ALA A 248 -6.55 14.97 -16.57
C ALA A 248 -6.27 15.46 -17.99
N SER A 249 -7.19 16.20 -18.56
CA SER A 249 -7.10 16.75 -19.90
C SER A 249 -5.72 17.25 -20.36
N SER A 250 -5.06 17.92 -19.40
CA SER A 250 -3.81 18.62 -19.74
C SER A 250 -2.86 17.65 -20.45
N GLU A 251 -2.90 16.40 -20.00
CA GLU A 251 -2.06 15.33 -20.49
C GLU A 251 -2.32 14.99 -21.95
N PHE A 252 -3.39 15.53 -22.49
CA PHE A 252 -3.81 15.21 -23.86
C PHE A 252 -4.22 16.47 -24.60
N PHE A 253 -3.72 17.60 -24.18
CA PHE A 253 -3.97 18.92 -24.81
C PHE A 253 -2.90 19.16 -25.89
N LYS A 254 -3.29 19.47 -27.11
CA LYS A 254 -2.38 19.69 -28.23
C LYS A 254 -2.97 20.84 -29.09
N ASP A 255 -2.43 22.04 -28.96
CA ASP A 255 -3.01 23.19 -29.68
C ASP A 255 -4.41 23.41 -29.09
N GLY A 256 -5.33 24.08 -29.74
CA GLY A 256 -6.64 24.30 -29.05
C GLY A 256 -7.37 22.97 -29.12
N LYS A 257 -6.55 21.94 -29.22
CA LYS A 257 -7.16 20.62 -29.42
C LYS A 257 -6.78 19.58 -28.40
N TYR A 258 -7.77 18.69 -28.33
CA TYR A 258 -7.84 17.56 -27.39
C TYR A 258 -7.82 16.20 -28.06
N ASP A 259 -6.86 15.35 -27.72
CA ASP A 259 -6.66 13.99 -28.24
C ASP A 259 -7.02 12.86 -27.27
N LEU A 260 -8.18 12.33 -27.64
CA LEU A 260 -8.73 11.19 -26.89
C LEU A 260 -8.25 9.86 -27.43
N ASP A 261 -7.89 9.80 -28.70
CA ASP A 261 -7.57 8.54 -29.39
C ASP A 261 -6.19 7.95 -29.13
N PHE A 262 -5.57 8.59 -28.17
CA PHE A 262 -4.18 8.32 -27.79
C PHE A 262 -3.90 7.38 -26.60
N LYS A 263 -2.63 7.63 -26.31
CA LYS A 263 -1.65 7.00 -25.44
C LYS A 263 -1.04 6.05 -26.51
N ASN A 264 -1.31 6.61 -27.71
CA ASN A 264 -1.08 5.95 -28.94
C ASN A 264 -0.49 6.30 -30.34
N PRO A 265 0.97 6.47 -30.42
CA PRO A 265 1.99 7.43 -30.57
C PRO A 265 1.82 7.73 -32.10
N ASN A 266 0.79 7.10 -32.65
CA ASN A 266 0.38 7.18 -34.03
C ASN A 266 -1.09 7.48 -34.32
N SER A 267 -2.07 6.84 -33.69
CA SER A 267 -3.45 7.17 -34.14
C SER A 267 -3.83 8.59 -33.69
N ASP A 268 -4.41 9.29 -34.60
CA ASP A 268 -5.14 9.98 -35.55
C ASP A 268 -5.50 11.48 -35.47
N LYS A 269 -4.84 12.25 -36.34
CA LYS A 269 -5.10 13.69 -36.39
C LYS A 269 -6.62 13.93 -36.53
N SER A 270 -7.43 12.89 -36.30
CA SER A 270 -8.83 13.34 -36.24
C SER A 270 -9.69 12.91 -35.06
N LYS A 271 -9.21 12.08 -34.13
CA LYS A 271 -10.01 11.89 -32.92
C LYS A 271 -10.16 13.32 -32.31
N TRP A 272 -9.11 14.08 -32.56
CA TRP A 272 -8.85 15.38 -31.95
C TRP A 272 -9.99 16.38 -31.98
N LEU A 273 -10.46 16.53 -30.73
CA LEU A 273 -11.56 17.40 -30.33
C LEU A 273 -11.09 18.80 -29.89
N THR A 274 -11.94 19.73 -30.27
CA THR A 274 -11.81 21.14 -29.86
C THR A 274 -12.47 21.20 -28.47
N GLY A 275 -12.40 22.31 -27.79
CA GLY A 275 -12.96 22.56 -26.47
C GLY A 275 -14.47 22.48 -26.36
N PRO A 276 -15.21 23.18 -27.22
CA PRO A 276 -16.67 23.13 -27.29
C PRO A 276 -17.12 21.72 -27.65
N GLN A 277 -16.28 21.16 -28.49
CA GLN A 277 -16.46 19.76 -28.92
C GLN A 277 -16.47 18.88 -27.65
N LEU A 278 -15.40 19.05 -26.88
CA LEU A 278 -15.21 18.32 -25.61
C LEU A 278 -16.27 18.69 -24.57
N ALA A 279 -16.65 19.95 -24.45
CA ALA A 279 -17.69 20.40 -23.53
C ALA A 279 -18.94 19.54 -23.80
N ASP A 280 -19.19 19.52 -25.09
CA ASP A 280 -20.36 18.79 -25.65
C ASP A 280 -20.46 17.34 -25.24
N LEU A 281 -19.33 16.67 -25.33
CA LEU A 281 -19.25 15.28 -24.93
C LEU A 281 -19.52 15.12 -23.44
N TYR A 282 -19.00 16.05 -22.62
CA TYR A 282 -19.19 16.06 -21.18
C TYR A 282 -20.66 16.22 -20.87
N HIS A 283 -21.30 17.08 -21.62
CA HIS A 283 -22.76 17.29 -21.41
C HIS A 283 -23.53 16.03 -21.82
N SER A 284 -22.97 15.12 -22.61
CA SER A 284 -23.63 13.89 -23.04
C SER A 284 -23.63 12.89 -21.87
N LEU A 285 -22.41 12.63 -21.43
CA LEU A 285 -22.16 11.71 -20.32
C LEU A 285 -23.06 12.12 -19.14
N MET A 286 -23.09 13.43 -18.98
CA MET A 286 -23.80 14.10 -17.89
C MET A 286 -25.26 13.73 -17.94
N LYS A 287 -25.90 13.87 -19.08
CA LYS A 287 -27.35 13.52 -19.07
C LYS A 287 -27.57 12.05 -18.77
N ARG A 288 -26.65 11.17 -19.10
CA ARG A 288 -26.68 9.72 -19.02
C ARG A 288 -26.36 9.06 -17.71
N TYR A 289 -25.41 9.56 -16.96
CA TYR A 289 -24.89 9.08 -15.69
C TYR A 289 -24.88 10.07 -14.52
N PRO A 290 -24.94 9.46 -13.34
CA PRO A 290 -24.98 10.20 -12.07
C PRO A 290 -23.66 10.88 -11.75
N ILE A 291 -23.22 11.77 -12.62
CA ILE A 291 -21.96 12.49 -12.37
C ILE A 291 -22.18 13.72 -11.48
N VAL A 292 -21.42 13.85 -10.41
CA VAL A 292 -21.63 15.07 -9.56
C VAL A 292 -20.38 15.94 -9.52
N SER A 293 -19.31 15.47 -10.07
CA SER A 293 -18.08 16.27 -10.12
C SER A 293 -17.22 15.88 -11.31
N ILE A 294 -16.60 16.87 -11.95
CA ILE A 294 -15.67 16.71 -13.06
C ILE A 294 -14.45 17.58 -12.74
N GLU A 295 -13.30 16.97 -12.75
CA GLU A 295 -12.04 17.67 -12.43
C GLU A 295 -11.16 17.75 -13.65
N ASP A 296 -10.72 18.95 -13.95
CA ASP A 296 -9.83 19.31 -15.06
C ASP A 296 -10.47 18.93 -16.39
N PRO A 297 -11.66 19.41 -16.66
CA PRO A 297 -12.31 19.13 -17.95
C PRO A 297 -11.52 19.79 -19.12
N PHE A 298 -10.70 20.78 -18.85
CA PHE A 298 -9.89 21.58 -19.77
C PHE A 298 -8.48 21.81 -19.23
N ALA A 299 -7.57 22.07 -20.19
CA ALA A 299 -6.15 22.12 -19.86
C ALA A 299 -5.83 23.29 -18.93
N GLU A 300 -4.74 23.16 -18.23
CA GLU A 300 -4.11 24.05 -17.30
C GLU A 300 -4.16 25.57 -17.52
N ASP A 301 -4.10 25.93 -18.77
CA ASP A 301 -4.02 27.32 -19.21
C ASP A 301 -5.07 27.67 -20.27
N ASP A 302 -6.04 26.79 -20.49
CA ASP A 302 -7.11 27.06 -21.51
C ASP A 302 -8.31 27.65 -20.76
N TRP A 303 -7.98 28.77 -20.17
CA TRP A 303 -8.86 29.56 -19.31
C TRP A 303 -10.22 29.72 -19.95
N GLU A 304 -10.22 30.05 -21.24
CA GLU A 304 -11.52 30.34 -21.90
C GLU A 304 -12.48 29.16 -21.95
N ALA A 305 -12.00 27.98 -22.30
CA ALA A 305 -12.84 26.77 -22.25
C ALA A 305 -13.52 26.51 -20.91
N TRP A 306 -12.80 26.78 -19.81
CA TRP A 306 -13.28 26.59 -18.44
C TRP A 306 -14.51 27.48 -18.22
N SER A 307 -14.33 28.77 -18.38
CA SER A 307 -15.40 29.74 -18.13
C SER A 307 -16.63 29.38 -18.96
N HIS A 308 -16.32 29.15 -20.23
CA HIS A 308 -17.40 28.81 -21.17
C HIS A 308 -18.23 27.67 -20.60
N PHE A 309 -17.61 26.56 -20.30
CA PHE A 309 -18.31 25.38 -19.75
C PHE A 309 -18.98 25.64 -18.41
N PHE A 310 -18.20 26.26 -17.52
CA PHE A 310 -18.64 26.53 -16.15
C PHE A 310 -20.00 27.18 -16.21
N LYS A 311 -20.33 28.03 -17.17
CA LYS A 311 -21.64 28.70 -17.20
C LYS A 311 -22.79 27.71 -17.25
N THR A 312 -22.63 26.58 -17.90
CA THR A 312 -23.74 25.65 -18.09
C THR A 312 -23.72 24.37 -17.27
N ALA A 313 -22.58 23.99 -16.72
CA ALA A 313 -22.43 22.69 -16.09
C ALA A 313 -23.40 22.30 -14.99
N GLY A 314 -23.62 23.08 -13.95
CA GLY A 314 -24.49 22.90 -12.80
C GLY A 314 -24.13 21.76 -11.88
N ILE A 315 -22.86 21.42 -11.87
CA ILE A 315 -22.23 20.34 -11.08
C ILE A 315 -20.89 20.81 -10.50
N GLN A 316 -20.27 20.10 -9.59
CA GLN A 316 -18.97 20.63 -9.10
C GLN A 316 -17.95 20.48 -10.24
N ILE A 317 -17.08 21.51 -10.32
CA ILE A 317 -15.99 21.61 -11.28
C ILE A 317 -14.70 21.84 -10.53
N VAL A 318 -13.89 20.81 -10.50
CA VAL A 318 -12.61 20.81 -9.80
C VAL A 318 -11.43 21.23 -10.66
N ALA A 319 -10.60 22.08 -10.09
CA ALA A 319 -9.34 22.59 -10.63
C ALA A 319 -8.21 21.91 -9.88
N ASP A 320 -7.33 21.35 -10.70
CA ASP A 320 -6.21 20.59 -10.15
C ASP A 320 -4.94 21.22 -10.73
N ASP A 321 -4.81 20.98 -12.01
CA ASP A 321 -3.73 21.45 -12.86
C ASP A 321 -3.93 22.91 -13.23
N LEU A 322 -5.16 23.37 -13.23
CA LEU A 322 -5.44 24.78 -13.55
C LEU A 322 -4.88 25.75 -12.51
N THR A 323 -5.04 25.31 -11.26
CA THR A 323 -4.68 26.04 -10.04
C THR A 323 -3.53 25.49 -9.23
N VAL A 324 -3.15 24.24 -9.32
CA VAL A 324 -2.01 23.71 -8.58
C VAL A 324 -1.87 24.28 -7.17
N THR A 325 -2.95 24.22 -6.39
CA THR A 325 -2.92 24.63 -4.98
C THR A 325 -2.15 25.92 -4.70
N ASN A 326 -2.18 26.88 -5.59
CA ASN A 326 -1.51 28.16 -5.56
C ASN A 326 -2.48 29.34 -5.51
N PRO A 327 -2.50 30.03 -4.37
CA PRO A 327 -3.37 31.17 -4.17
C PRO A 327 -3.39 32.21 -5.29
N LYS A 328 -2.29 32.41 -5.99
CA LYS A 328 -2.18 33.34 -7.09
C LYS A 328 -2.89 32.84 -8.35
N ARG A 329 -2.86 31.51 -8.57
CA ARG A 329 -3.53 30.93 -9.75
C ARG A 329 -5.00 30.74 -9.40
N ILE A 330 -5.23 30.50 -8.12
CA ILE A 330 -6.59 30.42 -7.63
C ILE A 330 -7.28 31.77 -7.82
N ALA A 331 -6.66 32.89 -7.47
CA ALA A 331 -7.35 34.19 -7.63
C ALA A 331 -7.82 34.43 -9.05
N THR A 332 -7.05 33.97 -10.04
CA THR A 332 -7.41 34.20 -11.45
C THR A 332 -8.64 33.39 -11.86
N ALA A 333 -8.64 32.12 -11.36
CA ALA A 333 -9.77 31.21 -11.63
C ALA A 333 -11.02 31.76 -10.96
N ILE A 334 -10.93 32.20 -9.72
CA ILE A 334 -12.13 32.80 -9.10
C ILE A 334 -12.61 33.95 -9.97
N GLU A 335 -11.63 34.72 -10.45
CA GLU A 335 -11.95 35.89 -11.25
C GLU A 335 -12.51 35.51 -12.62
N LYS A 336 -11.86 34.58 -13.30
CA LYS A 336 -12.40 34.18 -14.62
C LYS A 336 -13.66 33.33 -14.50
N LYS A 337 -13.98 32.96 -13.26
CA LYS A 337 -15.19 32.19 -12.91
C LYS A 337 -15.16 30.87 -13.67
N ALA A 338 -14.04 30.20 -13.46
CA ALA A 338 -13.80 28.95 -14.20
C ALA A 338 -14.22 27.60 -13.61
N ALA A 339 -14.20 27.55 -12.29
CA ALA A 339 -14.40 26.42 -11.41
C ALA A 339 -15.12 26.87 -10.13
N ASP A 340 -15.28 25.86 -9.26
CA ASP A 340 -16.00 26.15 -8.01
C ASP A 340 -15.49 25.27 -6.89
N ALA A 341 -14.48 24.56 -7.27
CA ALA A 341 -13.83 23.59 -6.35
C ALA A 341 -12.31 23.56 -6.61
N LEU A 342 -11.58 23.48 -5.50
CA LEU A 342 -10.14 23.36 -5.53
C LEU A 342 -9.72 21.92 -5.14
N LEU A 343 -8.84 21.36 -5.95
CA LEU A 343 -8.16 20.10 -5.63
C LEU A 343 -6.94 20.53 -4.81
N LEU A 344 -6.94 20.25 -3.52
CA LEU A 344 -5.84 20.59 -2.64
C LEU A 344 -4.75 19.55 -2.58
N LYS A 345 -3.51 19.92 -2.90
CA LYS A 345 -2.31 19.09 -2.90
C LYS A 345 -1.10 19.83 -2.33
N VAL A 346 -0.78 19.59 -1.08
CA VAL A 346 0.27 20.23 -0.30
C VAL A 346 1.62 20.21 -1.01
N ASN A 347 1.83 19.27 -1.92
CA ASN A 347 3.11 19.09 -2.58
C ASN A 347 3.03 19.86 -3.90
N GLN A 348 1.90 20.37 -4.32
CA GLN A 348 1.90 21.26 -5.52
C GLN A 348 2.47 22.62 -5.13
N ILE A 349 2.32 23.12 -3.93
CA ILE A 349 2.70 24.43 -3.35
C ILE A 349 3.93 24.21 -2.49
N GLY A 350 3.98 23.22 -1.60
CA GLY A 350 5.31 22.96 -0.96
C GLY A 350 5.32 23.24 0.54
N THR A 351 4.30 23.94 1.00
CA THR A 351 4.20 24.21 2.45
C THR A 351 2.76 24.09 2.93
N LEU A 352 2.64 23.69 4.18
CA LEU A 352 1.31 23.68 4.84
C LEU A 352 0.66 25.06 4.83
N SER A 353 1.42 26.09 5.26
CA SER A 353 0.79 27.44 5.28
C SER A 353 0.23 27.88 3.94
N GLU A 354 1.02 27.63 2.89
CA GLU A 354 0.47 28.01 1.55
C GLU A 354 -0.72 27.15 1.15
N SER A 355 -0.79 25.92 1.60
CA SER A 355 -1.93 25.00 1.32
C SER A 355 -3.17 25.40 2.12
N ILE A 356 -3.00 25.89 3.35
CA ILE A 356 -4.18 26.38 4.11
C ILE A 356 -4.76 27.68 3.48
N LYS A 357 -3.86 28.54 3.06
CA LYS A 357 -4.29 29.83 2.48
C LYS A 357 -5.06 29.52 1.21
N ALA A 358 -4.53 28.59 0.43
CA ALA A 358 -5.27 28.20 -0.80
C ALA A 358 -6.66 27.78 -0.35
N ALA A 359 -6.81 26.86 0.60
CA ALA A 359 -8.16 26.47 1.08
C ALA A 359 -8.98 27.66 1.58
N GLN A 360 -8.40 28.54 2.41
CA GLN A 360 -9.16 29.72 2.88
C GLN A 360 -9.59 30.68 1.77
N ASP A 361 -8.84 30.84 0.70
CA ASP A 361 -9.12 31.73 -0.46
C ASP A 361 -10.25 31.08 -1.27
N SER A 362 -10.26 29.74 -1.35
CA SER A 362 -11.37 29.03 -2.07
C SER A 362 -12.66 29.15 -1.30
N PHE A 363 -12.67 28.80 -0.01
CA PHE A 363 -13.88 28.86 0.84
C PHE A 363 -14.46 30.30 0.83
N ALA A 364 -13.52 31.24 0.81
CA ALA A 364 -13.86 32.65 0.82
C ALA A 364 -14.65 32.95 -0.46
N ALA A 365 -14.17 32.40 -1.56
CA ALA A 365 -14.81 32.65 -2.86
C ALA A 365 -16.08 31.84 -3.07
N GLY A 366 -16.53 30.99 -2.17
CA GLY A 366 -17.72 30.18 -2.30
C GLY A 366 -17.44 28.80 -2.92
N TRP A 367 -16.22 28.32 -2.86
CA TRP A 367 -15.77 27.10 -3.46
C TRP A 367 -15.63 25.96 -2.44
N GLY A 368 -15.62 24.78 -3.05
CA GLY A 368 -15.38 23.53 -2.24
C GLY A 368 -13.87 23.35 -2.28
N VAL A 369 -13.36 22.46 -1.51
CA VAL A 369 -11.99 21.99 -1.42
C VAL A 369 -12.03 20.45 -1.32
N MET A 370 -11.41 19.70 -2.22
CA MET A 370 -11.25 18.24 -2.15
C MET A 370 -9.74 17.99 -1.89
N VAL A 371 -9.42 17.44 -0.75
CA VAL A 371 -8.02 17.18 -0.42
C VAL A 371 -7.69 15.92 -1.23
N SER A 372 -6.52 15.84 -1.86
CA SER A 372 -6.22 14.67 -2.68
C SER A 372 -4.83 14.15 -2.35
N HIS A 373 -4.70 12.84 -2.56
CA HIS A 373 -3.37 12.23 -2.55
C HIS A 373 -2.66 12.65 -3.87
N ARG A 374 -1.50 12.07 -4.06
CA ARG A 374 -0.72 12.07 -5.32
C ARG A 374 -0.82 10.59 -5.81
N SER A 375 -0.61 10.27 -7.06
CA SER A 375 -0.65 8.91 -7.63
C SER A 375 0.50 8.03 -7.13
N GLY A 376 1.52 8.75 -6.67
CA GLY A 376 2.69 8.10 -6.04
C GLY A 376 2.54 8.50 -4.57
N GLU A 377 1.94 7.63 -3.81
CA GLU A 377 1.68 7.88 -2.37
C GLU A 377 2.58 7.09 -1.45
N THR A 378 2.28 7.23 -0.16
CA THR A 378 3.08 6.53 0.88
C THR A 378 2.10 6.13 1.99
N GLU A 379 2.79 5.51 2.97
CA GLU A 379 2.17 4.98 4.18
C GLU A 379 1.75 6.11 5.13
N ASP A 380 2.25 7.28 4.80
CA ASP A 380 1.93 8.53 5.50
C ASP A 380 0.42 8.80 5.45
N THR A 381 -0.19 9.17 6.56
CA THR A 381 -1.63 9.44 6.57
C THR A 381 -1.99 10.88 6.84
N PHE A 382 -1.13 11.85 6.77
CA PHE A 382 -1.37 13.28 6.94
C PHE A 382 -2.67 13.82 6.42
N ILE A 383 -2.94 13.52 5.15
CA ILE A 383 -4.15 14.06 4.51
C ILE A 383 -5.47 13.62 5.10
N ALA A 384 -5.45 12.53 5.83
CA ALA A 384 -6.63 12.00 6.49
C ALA A 384 -6.93 13.08 7.56
N ASP A 385 -6.00 13.40 8.43
CA ASP A 385 -6.12 14.49 9.41
C ASP A 385 -6.43 15.89 8.83
N LEU A 386 -5.81 16.21 7.73
CA LEU A 386 -5.97 17.49 7.03
C LEU A 386 -7.37 17.72 6.52
N VAL A 387 -7.93 16.73 5.80
CA VAL A 387 -9.32 16.91 5.34
C VAL A 387 -10.27 17.14 6.53
N VAL A 388 -10.17 16.42 7.64
CA VAL A 388 -11.02 16.69 8.81
C VAL A 388 -10.72 18.08 9.44
N GLY A 389 -9.44 18.43 9.51
CA GLY A 389 -9.03 19.71 10.11
C GLY A 389 -9.60 20.89 9.34
N LEU A 390 -9.67 20.80 8.02
CA LEU A 390 -10.12 21.83 7.10
C LEU A 390 -11.61 21.99 6.89
N ARG A 391 -12.37 21.07 7.43
CA ARG A 391 -13.81 20.87 7.35
C ARG A 391 -14.32 20.85 5.91
N THR A 392 -13.63 20.20 4.95
CA THR A 392 -14.02 20.28 3.54
C THR A 392 -15.19 19.38 3.06
N GLY A 393 -15.34 18.26 3.68
CA GLY A 393 -16.39 17.29 3.42
C GLY A 393 -16.16 16.42 2.19
N GLN A 394 -14.92 16.39 1.72
CA GLN A 394 -14.53 15.65 0.52
C GLN A 394 -13.04 15.42 0.35
N ILE A 395 -12.74 14.17 0.07
CA ILE A 395 -11.43 13.65 -0.22
C ILE A 395 -11.35 12.66 -1.39
N LYS A 396 -10.18 12.76 -2.01
CA LYS A 396 -9.73 11.82 -3.06
C LYS A 396 -8.43 11.15 -2.67
N THR A 397 -8.54 9.88 -2.28
CA THR A 397 -7.39 9.14 -1.81
C THR A 397 -7.26 7.72 -2.32
N GLY A 398 -7.79 7.53 -3.53
CA GLY A 398 -7.66 6.22 -4.18
C GLY A 398 -8.78 5.20 -4.01
N ALA A 399 -8.56 4.05 -4.66
CA ALA A 399 -9.47 2.93 -4.57
C ALA A 399 -9.31 2.27 -3.21
N PRO A 400 -10.25 1.39 -2.89
CA PRO A 400 -10.17 0.70 -1.61
C PRO A 400 -9.25 -0.48 -1.89
N ALA A 401 -8.05 -0.24 -2.38
CA ALA A 401 -7.11 -1.35 -2.73
C ALA A 401 -5.74 -0.70 -2.63
N ARG A 402 -4.68 -1.35 -2.18
CA ARG A 402 -3.35 -0.79 -2.08
C ARG A 402 -3.31 0.04 -0.80
N SER A 403 -2.51 -0.40 0.15
CA SER A 403 -2.49 0.26 1.47
C SER A 403 -2.01 1.71 1.56
N GLU A 404 -1.50 2.29 0.48
CA GLU A 404 -1.05 3.71 0.51
C GLU A 404 -2.37 4.47 0.35
N ARG A 405 -3.42 3.75 -0.01
CA ARG A 405 -4.74 4.38 -0.12
C ARG A 405 -5.53 4.04 1.16
N LEU A 406 -5.61 2.75 1.51
CA LEU A 406 -6.33 2.33 2.72
C LEU A 406 -5.72 2.94 3.98
N ALA A 407 -4.46 3.23 4.02
CA ALA A 407 -3.88 3.88 5.20
C ALA A 407 -4.66 5.17 5.45
N LYS A 408 -5.00 6.00 4.48
CA LYS A 408 -5.78 7.20 4.77
C LYS A 408 -7.21 6.84 5.16
N LEU A 409 -7.77 5.86 4.48
CA LEU A 409 -9.18 5.50 4.72
C LEU A 409 -9.35 4.87 6.11
N ASN A 410 -8.43 4.09 6.61
CA ASN A 410 -8.35 3.44 7.90
C ASN A 410 -8.18 4.59 8.94
N GLN A 411 -7.37 5.57 8.62
CA GLN A 411 -7.23 6.72 9.51
C GLN A 411 -8.54 7.47 9.69
N LEU A 412 -9.39 7.66 8.75
CA LEU A 412 -10.70 8.26 8.77
C LEU A 412 -11.72 7.50 9.61
N LEU A 413 -11.63 6.17 9.58
CA LEU A 413 -12.47 5.30 10.40
C LEU A 413 -12.10 5.58 11.85
N ARG A 414 -10.82 5.54 12.18
CA ARG A 414 -10.48 5.79 13.59
C ARG A 414 -10.91 7.18 14.06
N ILE A 415 -10.70 8.22 13.26
CA ILE A 415 -11.06 9.60 13.63
C ILE A 415 -12.56 9.67 13.85
N GLU A 416 -13.32 9.03 12.95
CA GLU A 416 -14.78 9.02 13.06
C GLU A 416 -15.25 8.49 14.41
N GLU A 417 -14.76 7.30 14.66
CA GLU A 417 -15.00 6.56 15.89
C GLU A 417 -14.57 7.38 17.11
N GLU A 418 -13.48 8.10 17.03
CA GLU A 418 -13.01 8.98 18.10
C GLU A 418 -13.96 10.16 18.36
N LEU A 419 -14.36 10.89 17.33
CA LEU A 419 -15.18 12.10 17.46
C LEU A 419 -16.62 11.76 17.88
N GLY A 420 -16.98 10.51 17.69
CA GLY A 420 -18.28 9.97 18.12
C GLY A 420 -19.38 10.93 17.71
N ASP A 421 -20.04 11.54 18.66
CA ASP A 421 -21.17 12.44 18.38
C ASP A 421 -20.77 13.83 17.94
N ASN A 422 -19.51 14.19 17.98
CA ASN A 422 -19.09 15.56 17.62
C ASN A 422 -18.61 15.57 16.17
N ALA A 423 -19.20 14.71 15.36
CA ALA A 423 -18.81 14.62 13.96
C ALA A 423 -20.06 14.35 13.14
N VAL A 424 -19.93 14.75 11.89
CA VAL A 424 -21.04 14.57 10.95
C VAL A 424 -20.54 14.10 9.59
N PHE A 425 -21.23 13.18 8.92
CA PHE A 425 -20.79 12.77 7.56
C PHE A 425 -21.24 13.84 6.56
N ALA A 426 -20.38 14.24 5.63
CA ALA A 426 -20.75 15.28 4.69
C ALA A 426 -21.95 14.88 3.85
N GLY A 427 -21.92 13.64 3.41
CA GLY A 427 -22.98 13.06 2.58
C GLY A 427 -23.30 13.87 1.33
N GLU A 428 -24.56 14.23 1.15
CA GLU A 428 -24.97 14.93 -0.09
C GLU A 428 -24.51 16.39 -0.08
N ASN A 429 -24.02 16.84 1.06
CA ASN A 429 -23.53 18.22 1.25
C ASN A 429 -22.02 18.33 1.07
N PHE A 430 -21.40 17.37 0.43
CA PHE A 430 -19.94 17.37 0.24
C PHE A 430 -19.38 18.68 -0.31
N HIS A 431 -19.97 19.24 -1.36
CA HIS A 431 -19.52 20.46 -2.01
C HIS A 431 -19.11 21.59 -1.05
N HIS A 432 -19.87 21.86 -0.03
CA HIS A 432 -19.67 22.93 0.95
C HIS A 432 -19.70 22.44 2.40
N GLY A 433 -18.94 21.45 2.72
CA GLY A 433 -18.79 20.81 4.02
C GLY A 433 -18.27 21.82 5.07
N ASP A 434 -17.57 22.84 4.62
CA ASP A 434 -17.07 23.87 5.55
C ASP A 434 -18.25 24.61 6.18
N LYS A 435 -19.28 24.79 5.37
CA LYS A 435 -20.45 25.56 5.82
C LYS A 435 -21.50 24.69 6.47
N LEU A 436 -21.13 23.47 6.87
CA LEU A 436 -22.16 22.69 7.59
C LEU A 436 -22.20 23.26 9.01
N ALA B 1 0.90 -1.75 33.39
CA ALA B 1 -0.26 -2.63 33.24
C ALA B 1 -1.22 -2.06 32.18
N VAL B 2 -1.91 -3.08 31.68
CA VAL B 2 -2.91 -2.95 30.60
C VAL B 2 -4.21 -2.37 31.18
N SER B 3 -4.56 -1.22 30.62
CA SER B 3 -5.81 -0.63 31.15
C SER B 3 -6.95 -0.98 30.21
N LYS B 4 -6.77 -1.10 28.92
CA LYS B 4 -7.82 -1.49 27.99
C LYS B 4 -7.22 -2.22 26.77
N VAL B 5 -8.08 -3.10 26.29
CA VAL B 5 -7.96 -3.90 25.08
C VAL B 5 -9.23 -3.52 24.29
N TYR B 6 -9.00 -3.20 23.02
CA TYR B 6 -10.03 -2.75 22.12
C TYR B 6 -9.70 -3.16 20.68
N ALA B 7 -10.76 -3.48 19.96
CA ALA B 7 -10.63 -3.89 18.55
C ALA B 7 -11.63 -3.15 17.70
N ARG B 8 -11.21 -3.04 16.43
CA ARG B 8 -12.10 -2.40 15.43
C ARG B 8 -11.85 -3.14 14.12
N SER B 9 -12.71 -2.78 13.19
CA SER B 9 -12.57 -3.40 11.84
C SER B 9 -11.90 -2.36 10.92
N VAL B 10 -10.79 -2.72 10.30
CA VAL B 10 -10.18 -1.85 9.27
C VAL B 10 -10.07 -2.67 7.96
N TYR B 11 -9.49 -2.13 6.91
CA TYR B 11 -9.36 -2.80 5.61
C TYR B 11 -7.92 -3.20 5.31
N ASP B 12 -7.85 -4.27 4.54
CA ASP B 12 -6.52 -4.80 4.08
C ASP B 12 -6.28 -4.21 2.68
N SER B 13 -5.15 -4.60 2.09
CA SER B 13 -4.66 -4.09 0.79
C SER B 13 -5.57 -4.39 -0.38
N ARG B 14 -6.45 -5.37 -0.18
CA ARG B 14 -7.45 -5.75 -1.14
C ARG B 14 -8.77 -5.05 -0.88
N GLY B 15 -8.88 -4.31 0.21
CA GLY B 15 -10.22 -3.70 0.41
C GLY B 15 -11.10 -4.73 1.11
N ASN B 16 -10.56 -5.69 1.84
CA ASN B 16 -11.41 -6.61 2.65
C ASN B 16 -11.24 -6.20 4.12
N PRO B 17 -12.29 -6.37 4.91
CA PRO B 17 -12.24 -6.03 6.34
C PRO B 17 -11.31 -6.97 7.08
N THR B 18 -10.65 -6.35 8.06
CA THR B 18 -9.73 -7.12 8.95
C THR B 18 -9.82 -6.42 10.33
N VAL B 19 -9.20 -7.04 11.31
CA VAL B 19 -9.10 -6.64 12.71
C VAL B 19 -7.84 -5.83 13.04
N GLU B 20 -8.12 -4.72 13.71
CA GLU B 20 -7.09 -3.88 14.33
C GLU B 20 -7.40 -3.89 15.84
N VAL B 21 -6.38 -4.21 16.58
CA VAL B 21 -6.36 -4.17 18.03
C VAL B 21 -5.51 -3.00 18.60
N GLU B 22 -6.14 -2.40 19.62
CA GLU B 22 -5.43 -1.39 20.43
C GLU B 22 -5.26 -1.82 21.90
N LEU B 23 -4.05 -1.84 22.36
CA LEU B 23 -3.68 -2.22 23.74
C LEU B 23 -3.20 -0.98 24.53
N THR B 24 -3.90 -0.62 25.61
CA THR B 24 -3.49 0.56 26.37
C THR B 24 -2.70 0.21 27.63
N THR B 25 -1.55 0.84 27.84
CA THR B 25 -0.87 0.63 29.12
C THR B 25 -0.52 2.00 29.69
N GLU B 26 0.34 2.00 30.69
CA GLU B 26 0.76 3.33 31.22
C GLU B 26 1.73 3.94 30.22
N LYS B 27 2.19 3.18 29.21
CA LYS B 27 3.19 3.80 28.32
C LYS B 27 2.59 4.42 27.08
N GLY B 28 1.37 4.12 26.78
CA GLY B 28 0.66 4.63 25.60
C GLY B 28 -0.39 3.64 25.08
N VAL B 29 -0.65 3.76 23.82
CA VAL B 29 -1.57 2.97 22.97
C VAL B 29 -0.75 2.29 21.88
N PHE B 30 -0.80 0.98 21.92
CA PHE B 30 -0.11 0.04 21.01
C PHE B 30 -1.14 -0.59 20.07
N ARG B 31 -0.96 -0.54 18.74
CA ARG B 31 -1.97 -1.26 17.92
C ARG B 31 -1.34 -2.35 17.01
N SER B 32 -2.18 -3.27 16.57
CA SER B 32 -1.90 -4.31 15.61
C SER B 32 -2.97 -4.38 14.51
N ILE B 33 -2.53 -4.69 13.30
CA ILE B 33 -3.52 -4.99 12.23
C ILE B 33 -3.19 -6.42 11.76
N VAL B 34 -4.17 -7.31 11.70
CA VAL B 34 -3.86 -8.72 11.33
C VAL B 34 -3.95 -8.79 9.79
N PRO B 35 -2.99 -9.43 9.15
CA PRO B 35 -3.11 -9.65 7.69
C PRO B 35 -4.11 -10.79 7.43
N SER B 36 -4.18 -11.11 6.13
CA SER B 36 -5.04 -12.21 5.67
C SER B 36 -4.59 -12.76 4.34
N GLY B 37 -4.27 -14.05 4.32
CA GLY B 37 -3.84 -14.72 3.08
C GLY B 37 -5.03 -14.94 2.13
N ALA B 38 -4.63 -15.28 0.92
CA ALA B 38 -5.57 -15.66 -0.15
C ALA B 38 -5.40 -17.17 -0.42
N SER B 39 -4.18 -17.66 -0.33
CA SER B 39 -3.61 -18.96 -0.60
C SER B 39 -3.98 -19.98 0.47
N THR B 40 -3.31 -19.97 1.61
CA THR B 40 -3.78 -20.95 2.62
C THR B 40 -3.43 -22.44 2.51
N GLY B 41 -3.58 -23.04 3.68
CA GLY B 41 -3.36 -24.48 3.92
C GLY B 41 -4.58 -24.87 4.77
N VAL B 42 -5.04 -26.08 4.53
CA VAL B 42 -6.25 -26.62 5.18
C VAL B 42 -6.09 -26.57 6.71
N HIS B 43 -4.83 -26.70 7.09
CA HIS B 43 -4.44 -26.84 8.51
C HIS B 43 -4.16 -25.56 9.28
N GLU B 44 -4.43 -24.45 8.62
CA GLU B 44 -4.21 -23.12 9.17
C GLU B 44 -5.16 -22.81 10.32
N ALA B 45 -4.69 -22.13 11.34
CA ALA B 45 -5.52 -21.62 12.47
C ALA B 45 -6.61 -20.79 11.79
N LEU B 46 -7.79 -20.81 12.36
CA LEU B 46 -8.98 -20.24 11.73
C LEU B 46 -9.24 -18.78 12.01
N GLU B 47 -9.35 -18.09 10.90
CA GLU B 47 -9.69 -16.68 10.78
C GLU B 47 -11.22 -16.67 10.87
N MET B 48 -11.79 -15.86 11.72
CA MET B 48 -13.24 -15.76 11.87
C MET B 48 -13.82 -14.67 11.00
N ARG B 49 -14.81 -15.04 10.21
CA ARG B 49 -15.46 -14.14 9.25
C ARG B 49 -16.94 -14.26 9.61
N ASP B 50 -17.68 -13.25 9.28
CA ASP B 50 -19.06 -13.27 9.73
C ASP B 50 -20.01 -14.17 8.96
N GLY B 51 -19.78 -14.20 7.65
CA GLY B 51 -20.62 -14.96 6.73
C GLY B 51 -21.95 -14.28 6.51
N ASP B 52 -21.97 -12.96 6.68
CA ASP B 52 -23.16 -12.14 6.38
C ASP B 52 -23.06 -11.70 4.91
N LYS B 53 -23.74 -12.41 4.05
CA LYS B 53 -23.72 -12.11 2.60
C LYS B 53 -24.23 -10.71 2.28
N SER B 54 -24.87 -10.07 3.24
CA SER B 54 -25.36 -8.69 3.10
C SER B 54 -24.31 -7.60 3.33
N LYS B 55 -23.20 -7.90 3.94
CA LYS B 55 -22.09 -7.04 4.29
C LYS B 55 -20.73 -7.61 3.87
N TRP B 56 -20.08 -6.82 3.00
CA TRP B 56 -18.74 -7.21 2.57
C TRP B 56 -18.83 -8.59 1.90
N MET B 57 -19.99 -8.93 1.33
CA MET B 57 -20.16 -10.28 0.74
C MET B 57 -19.86 -11.33 1.78
N GLY B 58 -20.07 -11.28 3.08
CA GLY B 58 -19.82 -12.35 4.05
C GLY B 58 -18.47 -12.40 4.74
N LYS B 59 -17.71 -11.34 4.42
CA LYS B 59 -16.31 -11.20 4.86
C LYS B 59 -16.10 -10.29 6.05
N GLY B 60 -17.16 -9.81 6.72
CA GLY B 60 -17.03 -8.97 7.89
C GLY B 60 -16.26 -9.74 8.96
N VAL B 61 -15.57 -9.03 9.84
CA VAL B 61 -14.93 -9.56 11.05
C VAL B 61 -15.63 -8.95 12.28
N LEU B 62 -16.92 -8.64 12.28
CA LEU B 62 -17.58 -8.03 13.47
C LEU B 62 -17.56 -8.96 14.68
N HIS B 63 -17.74 -10.26 14.40
CA HIS B 63 -17.77 -11.30 15.41
C HIS B 63 -16.40 -11.40 16.07
N ALA B 64 -15.32 -11.42 15.25
CA ALA B 64 -13.95 -11.46 15.79
C ALA B 64 -13.67 -10.24 16.68
N VAL B 65 -14.11 -9.12 16.16
CA VAL B 65 -14.00 -7.82 16.81
C VAL B 65 -14.79 -7.88 18.13
N LYS B 66 -15.97 -8.48 18.16
CA LYS B 66 -16.75 -8.58 19.41
C LYS B 66 -16.13 -9.53 20.42
N ASN B 67 -15.40 -10.53 19.98
CA ASN B 67 -14.69 -11.52 20.79
C ASN B 67 -13.59 -10.86 21.62
N VAL B 68 -12.96 -9.87 21.01
CA VAL B 68 -11.84 -9.14 21.61
C VAL B 68 -12.40 -8.28 22.76
N ASN B 69 -13.28 -7.42 22.32
CA ASN B 69 -13.97 -6.41 23.10
C ASN B 69 -14.77 -7.01 24.27
N ASP B 70 -15.59 -7.99 23.94
CA ASP B 70 -16.44 -8.58 24.98
C ASP B 70 -15.88 -9.79 25.71
N VAL B 71 -15.04 -10.61 25.09
CA VAL B 71 -14.57 -11.79 25.80
C VAL B 71 -13.16 -11.66 26.34
N ILE B 72 -12.28 -11.31 25.44
CA ILE B 72 -10.86 -11.26 25.79
C ILE B 72 -10.60 -10.09 26.75
N ALA B 73 -10.96 -8.93 26.24
CA ALA B 73 -10.67 -7.67 26.93
C ALA B 73 -10.91 -7.77 28.43
N PRO B 74 -12.14 -7.87 28.93
CA PRO B 74 -12.41 -7.94 30.39
C PRO B 74 -11.45 -8.87 31.10
N ALA B 75 -11.42 -10.10 30.56
CA ALA B 75 -10.56 -11.10 31.21
C ALA B 75 -9.07 -10.77 31.17
N PHE B 76 -8.65 -10.22 30.03
CA PHE B 76 -7.18 -10.04 29.87
C PHE B 76 -6.76 -9.04 30.93
N VAL B 77 -7.56 -7.99 30.99
CA VAL B 77 -7.34 -6.89 31.91
C VAL B 77 -7.41 -7.34 33.37
N LYS B 78 -8.34 -8.20 33.72
CA LYS B 78 -8.50 -8.69 35.09
C LYS B 78 -7.30 -9.58 35.42
N ALA B 79 -6.80 -10.33 34.45
CA ALA B 79 -5.68 -11.22 34.67
C ALA B 79 -4.45 -10.45 35.08
N ASN B 80 -4.30 -9.19 34.76
CA ASN B 80 -3.07 -8.41 35.09
C ASN B 80 -1.81 -9.20 34.76
N ILE B 81 -1.65 -9.28 33.42
CA ILE B 81 -0.57 -10.20 32.92
C ILE B 81 0.65 -9.36 32.64
N ASP B 82 1.82 -9.87 32.78
CA ASP B 82 3.05 -9.13 32.48
C ASP B 82 3.28 -9.25 30.95
N VAL B 83 3.09 -8.11 30.30
CA VAL B 83 3.21 -8.08 28.84
C VAL B 83 4.66 -8.32 28.42
N LYS B 84 5.62 -8.12 29.28
CA LYS B 84 6.97 -8.42 28.86
C LYS B 84 7.05 -9.94 28.75
N ASP B 85 6.21 -10.66 29.48
CA ASP B 85 6.14 -12.14 29.47
C ASP B 85 5.23 -12.65 28.33
N GLN B 86 5.79 -12.80 27.15
CA GLN B 86 5.04 -13.14 25.93
C GLN B 86 4.35 -14.50 26.02
N LYS B 87 5.05 -15.48 26.55
CA LYS B 87 4.52 -16.83 26.70
C LYS B 87 3.27 -16.79 27.56
N ALA B 88 3.33 -15.94 28.60
CA ALA B 88 2.22 -15.80 29.59
C ALA B 88 1.02 -15.17 28.91
N VAL B 89 1.36 -14.13 28.15
CA VAL B 89 0.28 -13.44 27.38
C VAL B 89 -0.40 -14.42 26.43
N ASP B 90 0.47 -15.14 25.68
CA ASP B 90 -0.09 -16.10 24.72
C ASP B 90 -0.71 -17.28 25.46
N ASP B 91 -0.10 -17.82 26.51
CA ASP B 91 -0.71 -19.03 27.14
C ASP B 91 -2.16 -18.70 27.50
N PHE B 92 -2.21 -17.46 27.99
CA PHE B 92 -3.52 -16.95 28.45
C PHE B 92 -4.51 -17.05 27.30
N LEU B 93 -4.12 -16.43 26.19
CA LEU B 93 -5.02 -16.34 25.02
C LEU B 93 -5.44 -17.70 24.53
N ILE B 94 -4.53 -18.66 24.46
CA ILE B 94 -4.80 -20.02 23.95
C ILE B 94 -5.81 -20.79 24.78
N SER B 95 -5.71 -20.71 26.11
CA SER B 95 -6.63 -21.24 27.12
C SER B 95 -7.98 -20.55 27.04
N LEU B 96 -7.94 -19.25 26.91
CA LEU B 96 -9.26 -18.60 26.76
C LEU B 96 -10.04 -19.27 25.63
N ASP B 97 -9.34 -19.61 24.54
CA ASP B 97 -10.00 -20.14 23.33
C ASP B 97 -10.41 -21.62 23.51
N GLY B 98 -9.41 -22.38 23.90
CA GLY B 98 -9.57 -23.81 24.12
C GLY B 98 -9.61 -24.82 23.00
N THR B 99 -9.52 -24.45 21.75
CA THR B 99 -9.56 -25.38 20.62
C THR B 99 -8.20 -25.41 19.93
N ALA B 100 -7.86 -26.51 19.28
CA ALA B 100 -6.53 -26.66 18.64
C ALA B 100 -6.47 -25.78 17.39
N ASN B 101 -7.47 -25.01 17.05
CA ASN B 101 -7.28 -24.26 15.79
C ASN B 101 -7.78 -22.86 15.97
N LYS B 102 -7.80 -22.44 17.21
CA LYS B 102 -8.28 -21.07 17.55
C LYS B 102 -9.64 -20.77 16.96
N SER B 103 -10.45 -21.86 16.85
CA SER B 103 -11.73 -21.67 16.19
C SER B 103 -12.82 -21.14 17.10
N LYS B 104 -12.58 -21.03 18.40
CA LYS B 104 -13.64 -20.46 19.23
C LYS B 104 -13.64 -18.94 19.09
N LEU B 105 -12.52 -18.28 19.34
CA LEU B 105 -12.43 -16.81 19.31
C LEU B 105 -11.98 -16.29 17.95
N GLY B 106 -11.21 -17.16 17.29
CA GLY B 106 -10.72 -16.88 15.93
C GLY B 106 -9.28 -16.37 15.98
N ALA B 107 -8.42 -17.02 15.24
CA ALA B 107 -7.00 -16.68 15.19
C ALA B 107 -6.82 -15.20 14.93
N ASN B 108 -7.68 -14.48 14.23
CA ASN B 108 -7.58 -13.05 13.94
C ASN B 108 -7.86 -12.18 15.19
N ALA B 109 -8.72 -12.61 16.08
CA ALA B 109 -9.04 -11.97 17.35
C ALA B 109 -7.82 -12.08 18.30
N ILE B 110 -7.25 -13.27 18.32
CA ILE B 110 -6.10 -13.61 19.16
C ILE B 110 -4.80 -12.95 18.73
N LEU B 111 -4.51 -13.16 17.45
CA LEU B 111 -3.21 -12.63 16.92
C LEU B 111 -3.06 -11.15 17.25
N GLY B 112 -4.06 -10.37 16.99
CA GLY B 112 -4.08 -8.92 17.28
C GLY B 112 -3.63 -8.69 18.73
N VAL B 113 -4.16 -9.33 19.75
CA VAL B 113 -3.80 -9.06 21.14
C VAL B 113 -2.33 -9.40 21.38
N SER B 114 -1.98 -10.51 20.74
CA SER B 114 -0.65 -11.09 20.84
C SER B 114 0.41 -10.13 20.27
N LEU B 115 0.20 -9.60 19.08
CA LEU B 115 1.19 -8.72 18.45
C LEU B 115 1.22 -7.39 19.21
N ALA B 116 0.05 -6.88 19.56
CA ALA B 116 -0.04 -5.60 20.31
C ALA B 116 0.68 -5.60 21.66
N ALA B 117 0.67 -6.73 22.34
CA ALA B 117 1.34 -6.83 23.66
C ALA B 117 2.85 -6.81 23.47
N SER B 118 3.38 -7.32 22.34
CA SER B 118 4.81 -7.35 22.09
C SER B 118 5.21 -5.86 21.88
N ARG B 119 4.45 -5.03 21.22
CA ARG B 119 4.71 -3.61 21.07
C ARG B 119 4.66 -2.93 22.46
N ALA B 120 3.56 -3.21 23.18
CA ALA B 120 3.52 -2.59 24.54
C ALA B 120 4.67 -3.07 25.41
N ALA B 121 5.13 -4.30 25.31
CA ALA B 121 6.29 -4.75 26.09
C ALA B 121 7.56 -3.99 25.74
N ALA B 122 7.77 -3.81 24.43
CA ALA B 122 8.97 -3.13 23.89
C ALA B 122 9.10 -1.73 24.45
N ALA B 123 8.04 -0.97 24.44
CA ALA B 123 7.92 0.37 25.03
C ALA B 123 8.30 0.37 26.51
N GLU B 124 7.80 -0.50 27.36
CA GLU B 124 8.12 -0.53 28.79
C GLU B 124 9.58 -0.79 29.03
N LYS B 125 10.19 -1.55 28.12
CA LYS B 125 11.62 -1.86 28.15
C LYS B 125 12.37 -0.73 27.46
N ASN B 126 11.71 0.10 26.67
CA ASN B 126 12.48 1.17 26.05
C ASN B 126 13.53 0.71 25.01
N VAL B 127 13.19 -0.33 24.29
CA VAL B 127 14.06 -0.89 23.23
C VAL B 127 13.18 -0.83 21.97
N PRO B 128 13.76 -0.72 20.78
CA PRO B 128 12.94 -0.89 19.54
C PRO B 128 12.35 -2.30 19.52
N LEU B 129 11.17 -2.43 18.90
CA LEU B 129 10.49 -3.72 18.78
C LEU B 129 11.48 -4.79 18.35
N TYR B 130 12.31 -4.71 17.34
CA TYR B 130 13.25 -5.77 16.89
C TYR B 130 14.12 -6.35 17.99
N LYS B 131 14.52 -5.45 18.90
CA LYS B 131 15.46 -5.81 20.00
C LYS B 131 14.72 -6.68 21.04
N HIS B 132 13.46 -6.28 21.30
CA HIS B 132 12.63 -7.08 22.22
C HIS B 132 12.29 -8.45 21.62
N LEU B 133 12.00 -8.45 20.33
CA LEU B 133 11.76 -9.70 19.53
C LEU B 133 13.05 -10.50 19.58
N ALA B 134 14.22 -9.82 19.61
CA ALA B 134 15.47 -10.57 19.77
C ALA B 134 15.44 -11.31 21.10
N ASP B 135 15.09 -10.56 22.14
CA ASP B 135 14.97 -11.00 23.54
C ASP B 135 14.13 -12.29 23.67
N LEU B 136 12.92 -12.12 23.19
CA LEU B 136 11.92 -13.20 23.21
C LEU B 136 12.45 -14.47 22.54
N SER B 137 13.16 -14.30 21.44
CA SER B 137 13.74 -15.28 20.59
C SER B 137 15.00 -15.95 21.11
N LYS B 138 15.75 -15.23 21.90
CA LYS B 138 17.05 -15.82 22.31
C LYS B 138 17.93 -15.78 21.07
N SER B 139 17.87 -14.65 20.34
CA SER B 139 18.66 -14.51 19.10
C SER B 139 20.01 -13.80 19.35
N LYS B 140 21.06 -14.07 18.56
CA LYS B 140 22.29 -13.28 18.66
C LYS B 140 22.02 -11.83 18.24
N THR B 141 22.80 -10.90 18.80
CA THR B 141 22.56 -9.46 18.55
C THR B 141 23.80 -8.61 18.30
N SER B 142 24.87 -9.30 18.00
CA SER B 142 26.17 -8.73 17.68
C SER B 142 26.79 -9.71 16.67
N PRO B 143 26.50 -9.48 15.40
CA PRO B 143 25.68 -8.36 14.95
C PRO B 143 24.27 -8.89 14.84
N TYR B 144 23.41 -8.00 14.46
CA TYR B 144 22.05 -8.17 14.01
C TYR B 144 22.15 -8.50 12.47
N VAL B 145 21.14 -9.18 11.89
CA VAL B 145 21.25 -9.60 10.47
C VAL B 145 20.08 -8.98 9.75
N LEU B 146 20.37 -8.28 8.66
CA LEU B 146 19.40 -7.69 7.74
C LEU B 146 19.15 -8.77 6.64
N PRO B 147 17.91 -8.86 6.21
CA PRO B 147 17.55 -9.93 5.31
C PRO B 147 17.66 -9.49 3.83
N VAL B 148 17.75 -10.60 3.09
CA VAL B 148 17.74 -10.53 1.61
C VAL B 148 16.27 -10.47 1.27
N PRO B 149 15.88 -9.41 0.59
CA PRO B 149 14.44 -9.36 0.26
C PRO B 149 13.97 -10.31 -0.84
N PHE B 150 13.05 -11.26 -0.72
CA PHE B 150 12.61 -11.96 -1.97
C PHE B 150 11.45 -11.18 -2.59
N LEU B 151 11.77 -10.47 -3.66
CA LEU B 151 10.80 -9.56 -4.27
C LEU B 151 9.97 -10.23 -5.35
N ASN B 152 8.67 -10.21 -5.21
CA ASN B 152 7.78 -10.73 -6.28
C ASN B 152 7.87 -9.84 -7.53
N VAL B 153 8.22 -10.31 -8.70
CA VAL B 153 8.26 -9.44 -9.89
C VAL B 153 7.17 -9.83 -10.87
N LEU B 154 6.85 -11.11 -10.91
CA LEU B 154 5.87 -11.63 -11.93
C LEU B 154 5.06 -12.76 -11.34
N ASN B 155 3.80 -12.81 -11.68
CA ASN B 155 2.91 -13.88 -11.20
C ASN B 155 2.33 -14.70 -12.37
N GLY B 156 2.07 -15.94 -12.02
CA GLY B 156 1.42 -16.95 -12.87
C GLY B 156 0.28 -17.55 -12.04
N GLY B 157 -0.05 -18.75 -12.46
CA GLY B 157 -1.04 -19.70 -11.97
C GLY B 157 -2.39 -19.00 -11.97
N SER B 158 -3.03 -19.03 -10.82
CA SER B 158 -4.33 -18.37 -10.62
C SER B 158 -4.17 -16.85 -10.62
N HIS B 159 -2.95 -16.34 -10.50
CA HIS B 159 -2.77 -14.87 -10.57
C HIS B 159 -2.48 -14.55 -12.04
N ALA B 160 -3.40 -14.53 -12.97
CA ALA B 160 -2.99 -14.25 -14.35
C ALA B 160 -3.72 -15.23 -15.27
N GLY B 161 -3.67 -14.86 -16.56
CA GLY B 161 -4.31 -15.60 -17.59
C GLY B 161 -3.66 -16.34 -18.71
N GLY B 162 -2.39 -16.65 -18.73
CA GLY B 162 -1.88 -17.46 -19.88
C GLY B 162 -2.13 -18.93 -19.47
N ALA B 163 -1.08 -19.70 -19.66
CA ALA B 163 -1.09 -21.14 -19.36
C ALA B 163 -0.13 -21.50 -18.23
N LEU B 164 0.72 -20.53 -17.88
CA LEU B 164 1.70 -20.83 -16.81
C LEU B 164 1.01 -21.22 -15.51
N ALA B 165 1.45 -22.28 -14.85
CA ALA B 165 0.80 -22.75 -13.63
C ALA B 165 1.58 -22.38 -12.36
N LEU B 166 2.82 -22.03 -12.49
CA LEU B 166 3.68 -21.70 -11.32
C LEU B 166 3.21 -20.29 -10.92
N GLN B 167 3.22 -20.06 -9.63
CA GLN B 167 2.61 -18.85 -9.08
C GLN B 167 3.41 -17.56 -8.89
N GLU B 168 4.46 -17.51 -8.11
CA GLU B 168 5.28 -16.27 -7.95
C GLU B 168 6.68 -16.49 -8.44
N PHE B 169 7.24 -15.48 -9.06
CA PHE B 169 8.66 -15.47 -9.53
C PHE B 169 9.23 -14.25 -8.78
N MET B 170 10.29 -14.50 -8.10
CA MET B 170 10.88 -13.49 -7.18
C MET B 170 12.35 -13.27 -7.56
N ILE B 171 12.80 -12.09 -7.23
CA ILE B 171 14.25 -11.86 -7.41
C ILE B 171 14.81 -11.67 -6.01
N ALA B 172 16.06 -12.00 -5.85
CA ALA B 172 16.75 -11.92 -4.55
C ALA B 172 18.12 -11.30 -4.82
N PRO B 173 18.23 -10.01 -4.53
CA PRO B 173 19.50 -9.29 -4.74
C PRO B 173 20.51 -9.73 -3.68
N THR B 174 21.06 -10.92 -3.81
CA THR B 174 21.99 -11.48 -2.79
C THR B 174 23.35 -10.84 -2.82
N GLY B 175 23.62 -10.36 -4.04
CA GLY B 175 24.94 -9.81 -4.35
C GLY B 175 25.30 -8.49 -3.72
N ALA B 176 24.35 -7.70 -3.34
CA ALA B 176 24.30 -6.41 -2.66
C ALA B 176 25.18 -6.48 -1.43
N LYS B 177 25.63 -5.35 -0.95
CA LYS B 177 26.46 -5.27 0.27
C LYS B 177 25.70 -4.80 1.52
N THR B 178 24.55 -4.19 1.33
CA THR B 178 23.67 -3.67 2.37
C THR B 178 22.25 -3.92 1.97
N PHE B 179 21.33 -3.59 2.89
CA PHE B 179 19.91 -3.70 2.63
C PHE B 179 19.56 -2.59 1.65
N ALA B 180 20.08 -1.40 1.96
CA ALA B 180 19.76 -0.23 1.16
C ALA B 180 20.15 -0.44 -0.32
N GLU B 181 21.35 -0.94 -0.56
CA GLU B 181 21.81 -1.25 -1.93
C GLU B 181 21.00 -2.39 -2.50
N ALA B 182 20.66 -3.44 -1.76
CA ALA B 182 19.82 -4.54 -2.27
C ALA B 182 18.46 -4.02 -2.65
N LEU B 183 17.85 -3.12 -1.89
CA LEU B 183 16.52 -2.61 -2.33
C LEU B 183 16.59 -1.77 -3.61
N ARG B 184 17.68 -1.03 -3.79
CA ARG B 184 17.92 -0.18 -4.95
C ARG B 184 18.03 -1.08 -6.21
N ILE B 185 18.86 -2.08 -6.11
CA ILE B 185 19.11 -3.11 -7.14
C ILE B 185 17.77 -3.73 -7.54
N GLY B 186 17.10 -4.26 -6.54
CA GLY B 186 15.78 -4.86 -6.57
C GLY B 186 14.75 -4.03 -7.28
N SER B 187 14.78 -2.72 -7.03
CA SER B 187 13.78 -1.87 -7.69
C SER B 187 14.23 -1.46 -9.09
N GLU B 188 15.53 -1.42 -9.36
CA GLU B 188 15.93 -1.12 -10.75
C GLU B 188 15.54 -2.30 -11.63
N VAL B 189 15.76 -3.56 -11.28
CA VAL B 189 15.29 -4.73 -12.02
C VAL B 189 13.78 -4.78 -12.24
N TYR B 190 13.02 -4.50 -11.18
CA TYR B 190 11.54 -4.40 -11.19
C TYR B 190 11.06 -3.48 -12.31
N HIS B 191 11.65 -2.27 -12.36
CA HIS B 191 11.25 -1.27 -13.34
C HIS B 191 11.63 -1.70 -14.75
N ASN B 192 12.83 -2.21 -14.91
CA ASN B 192 13.25 -2.77 -16.19
C ASN B 192 12.18 -3.79 -16.64
N LEU B 193 11.96 -4.75 -15.75
CA LEU B 193 10.98 -5.81 -16.02
C LEU B 193 9.65 -5.21 -16.45
N LYS B 194 9.08 -4.20 -15.83
CA LYS B 194 7.79 -3.64 -16.22
C LYS B 194 7.90 -3.05 -17.62
N SER B 195 9.05 -2.52 -18.01
CA SER B 195 9.29 -2.01 -19.36
C SER B 195 9.20 -3.05 -20.50
N LEU B 196 9.98 -4.08 -20.33
CA LEU B 196 10.11 -5.29 -21.11
C LEU B 196 8.72 -5.90 -21.34
N THR B 197 8.02 -6.02 -20.23
CA THR B 197 6.68 -6.60 -20.23
C THR B 197 5.71 -5.78 -21.09
N LYS B 198 5.72 -4.46 -20.96
CA LYS B 198 4.78 -3.66 -21.77
C LYS B 198 5.20 -3.66 -23.24
N LYS B 199 6.51 -3.58 -23.51
CA LYS B 199 6.99 -3.75 -24.88
C LYS B 199 6.62 -5.12 -25.43
N ARG B 200 6.86 -6.23 -24.79
CA ARG B 200 6.66 -7.60 -25.30
C ARG B 200 5.24 -8.08 -25.22
N TYR B 201 4.43 -7.56 -24.32
CA TYR B 201 3.04 -7.98 -24.13
C TYR B 201 1.97 -6.91 -24.18
N GLY B 202 2.28 -5.65 -24.29
CA GLY B 202 1.18 -4.66 -24.29
C GLY B 202 1.12 -3.90 -22.94
N ALA B 203 0.71 -2.65 -23.08
CA ALA B 203 0.54 -1.68 -22.00
C ALA B 203 -0.31 -2.24 -20.87
N SER B 204 -1.39 -2.92 -21.17
CA SER B 204 -2.17 -3.51 -20.07
C SER B 204 -1.33 -4.48 -19.25
N ALA B 205 -0.32 -5.10 -19.79
CA ALA B 205 0.56 -6.09 -19.15
C ALA B 205 1.37 -5.51 -18.00
N GLY B 206 1.46 -4.18 -17.96
CA GLY B 206 2.15 -3.50 -16.86
C GLY B 206 1.24 -3.30 -15.61
N ASN B 207 -0.04 -3.62 -15.59
CA ASN B 207 -0.90 -3.36 -14.40
C ASN B 207 -0.49 -4.43 -13.40
N VAL B 208 -0.71 -4.14 -12.11
CA VAL B 208 -0.10 -5.03 -11.11
C VAL B 208 -1.15 -5.88 -10.41
N GLY B 209 -0.76 -6.96 -9.81
CA GLY B 209 -1.71 -7.81 -9.10
C GLY B 209 -1.50 -7.45 -7.61
N ASP B 210 -2.20 -8.20 -6.80
CA ASP B 210 -2.25 -8.11 -5.35
C ASP B 210 -0.94 -7.72 -4.72
N GLU B 211 0.15 -8.40 -5.04
CA GLU B 211 1.37 -8.00 -4.33
C GLU B 211 2.31 -7.10 -5.14
N GLY B 212 1.85 -6.35 -6.09
CA GLY B 212 2.67 -5.51 -6.91
C GLY B 212 3.41 -6.12 -8.08
N GLY B 213 3.35 -7.40 -8.34
CA GLY B 213 4.15 -7.94 -9.49
C GLY B 213 3.25 -7.89 -10.72
N VAL B 214 3.85 -7.85 -11.92
CA VAL B 214 2.99 -7.87 -13.15
C VAL B 214 2.49 -9.31 -13.38
N ALA B 215 1.53 -9.46 -14.29
CA ALA B 215 0.99 -10.81 -14.57
C ALA B 215 0.53 -10.94 -16.02
N PRO B 216 1.51 -11.08 -16.92
CA PRO B 216 1.22 -11.08 -18.39
C PRO B 216 0.77 -12.47 -18.78
N ASN B 217 0.00 -12.73 -19.83
CA ASN B 217 -0.42 -14.10 -20.24
C ASN B 217 0.81 -14.81 -20.79
N ILE B 218 1.56 -15.55 -20.01
CA ILE B 218 2.78 -16.26 -20.46
C ILE B 218 2.35 -17.72 -20.72
N GLN B 219 3.09 -18.39 -21.58
CA GLN B 219 2.79 -19.79 -21.95
C GLN B 219 3.58 -20.79 -21.07
N THR B 220 4.88 -20.53 -20.97
CA THR B 220 5.76 -21.49 -20.28
C THR B 220 6.64 -20.92 -19.19
N ALA B 221 7.10 -21.79 -18.31
CA ALA B 221 8.00 -21.41 -17.20
C ALA B 221 9.26 -20.76 -17.77
N GLU B 222 9.77 -21.36 -18.85
CA GLU B 222 10.95 -20.82 -19.50
C GLU B 222 10.62 -19.42 -19.99
N GLU B 223 9.53 -19.24 -20.71
CA GLU B 223 9.15 -17.90 -21.16
C GLU B 223 9.29 -16.93 -20.00
N ALA B 224 8.79 -17.22 -18.83
CA ALA B 224 8.86 -16.38 -17.60
C ALA B 224 10.29 -16.19 -17.11
N LEU B 225 11.06 -17.27 -17.00
CA LEU B 225 12.45 -17.26 -16.61
C LEU B 225 13.25 -16.37 -17.51
N ASP B 226 13.08 -16.46 -18.83
CA ASP B 226 13.87 -15.64 -19.75
C ASP B 226 13.55 -14.15 -19.61
N LEU B 227 12.31 -13.76 -19.41
CA LEU B 227 11.94 -12.36 -19.29
C LEU B 227 12.63 -11.79 -18.05
N ILE B 228 12.69 -12.59 -17.02
CA ILE B 228 13.31 -12.17 -15.77
C ILE B 228 14.82 -11.96 -15.96
N VAL B 229 15.47 -12.94 -16.60
CA VAL B 229 16.93 -12.83 -16.71
C VAL B 229 17.25 -11.73 -17.69
N ASP B 230 16.36 -11.32 -18.58
CA ASP B 230 16.65 -10.21 -19.51
C ASP B 230 16.66 -8.86 -18.83
N ALA B 231 15.78 -8.83 -17.84
CA ALA B 231 15.48 -7.67 -17.00
C ALA B 231 16.72 -7.44 -16.13
N ILE B 232 17.22 -8.52 -15.58
CA ILE B 232 18.43 -8.50 -14.74
C ILE B 232 19.55 -7.90 -15.58
N LYS B 233 19.78 -8.50 -16.77
CA LYS B 233 20.80 -7.95 -17.67
C LYS B 233 20.45 -6.52 -18.07
N ALA B 234 19.25 -6.23 -18.52
CA ALA B 234 18.98 -4.83 -18.93
C ALA B 234 19.46 -3.91 -17.83
N ALA B 235 19.06 -4.13 -16.60
CA ALA B 235 19.49 -3.37 -15.41
C ALA B 235 20.99 -3.34 -15.14
N GLY B 236 21.79 -4.29 -15.51
CA GLY B 236 23.26 -4.28 -15.31
C GLY B 236 23.67 -4.99 -14.05
N HIS B 237 22.66 -5.67 -13.48
CA HIS B 237 22.89 -6.36 -12.21
C HIS B 237 23.20 -7.81 -12.44
N ASP B 238 23.59 -8.26 -13.59
CA ASP B 238 23.89 -9.67 -13.87
C ASP B 238 24.82 -10.28 -12.85
N GLY B 239 24.48 -11.40 -12.23
CA GLY B 239 25.36 -12.02 -11.25
C GLY B 239 25.07 -11.54 -9.82
N LYS B 240 24.19 -10.64 -9.48
CA LYS B 240 24.03 -10.21 -8.09
C LYS B 240 22.64 -10.50 -7.53
N VAL B 241 21.76 -10.81 -8.44
CA VAL B 241 20.32 -11.04 -8.23
C VAL B 241 20.00 -12.48 -8.66
N LYS B 242 19.48 -13.25 -7.75
CA LYS B 242 19.05 -14.65 -7.89
C LYS B 242 17.54 -14.69 -8.10
N ILE B 243 17.03 -15.89 -8.26
CA ILE B 243 15.63 -16.13 -8.52
C ILE B 243 15.09 -17.08 -7.45
N GLY B 244 13.91 -16.78 -7.02
CA GLY B 244 13.16 -17.63 -6.08
C GLY B 244 11.81 -17.93 -6.72
N LEU B 245 11.27 -19.12 -6.51
CA LEU B 245 9.94 -19.52 -7.02
C LEU B 245 8.97 -20.03 -5.93
N ASP B 246 7.71 -19.67 -6.05
CA ASP B 246 6.58 -20.08 -5.27
C ASP B 246 5.72 -20.83 -6.32
N CYS B 247 5.73 -22.13 -6.14
CA CYS B 247 4.93 -22.99 -7.05
C CYS B 247 3.47 -23.02 -6.58
N ALA B 248 3.21 -23.14 -5.29
CA ALA B 248 1.80 -23.20 -4.84
C ALA B 248 1.10 -24.32 -5.62
N SER B 249 1.84 -25.42 -5.58
CA SER B 249 1.64 -26.74 -6.17
C SER B 249 0.24 -27.31 -5.99
N SER B 250 -0.25 -27.15 -4.77
CA SER B 250 -1.60 -27.62 -4.44
C SER B 250 -2.54 -27.25 -5.59
N GLU B 251 -2.51 -26.00 -6.01
CA GLU B 251 -3.28 -25.39 -7.08
C GLU B 251 -3.60 -26.21 -8.32
N PHE B 252 -2.76 -27.17 -8.62
CA PHE B 252 -2.94 -27.98 -9.85
C PHE B 252 -2.71 -29.45 -9.53
N PHE B 253 -2.98 -29.72 -8.28
CA PHE B 253 -2.74 -31.06 -7.70
C PHE B 253 -4.12 -31.75 -7.86
N LYS B 254 -4.24 -32.37 -9.04
CA LYS B 254 -5.54 -33.02 -9.35
C LYS B 254 -5.50 -34.49 -8.95
N ASP B 255 -5.74 -34.62 -7.65
CA ASP B 255 -5.77 -35.70 -6.69
C ASP B 255 -4.65 -36.71 -6.98
N GLY B 256 -4.86 -37.34 -8.14
CA GLY B 256 -3.80 -38.26 -8.60
C GLY B 256 -2.53 -37.37 -8.61
N LYS B 257 -2.60 -36.44 -9.54
CA LYS B 257 -1.40 -35.62 -9.79
C LYS B 257 -1.51 -34.10 -9.88
N TYR B 258 -0.53 -33.64 -10.64
CA TYR B 258 -0.18 -32.25 -10.89
C TYR B 258 -0.55 -31.82 -12.31
N ASP B 259 -1.71 -31.15 -12.32
CA ASP B 259 -2.33 -30.61 -13.56
C ASP B 259 -1.71 -29.26 -13.92
N LEU B 260 -0.75 -29.26 -14.82
CA LEU B 260 -0.08 -28.00 -15.22
C LEU B 260 -1.06 -26.96 -15.73
N ASP B 261 -1.83 -27.32 -16.74
CA ASP B 261 -2.85 -26.46 -17.34
C ASP B 261 -4.10 -26.42 -16.45
N PHE B 262 -3.92 -26.39 -15.14
CA PHE B 262 -5.17 -26.44 -14.34
C PHE B 262 -6.20 -25.48 -14.96
N LYS B 263 -5.72 -24.44 -15.59
CA LYS B 263 -6.49 -23.35 -16.22
C LYS B 263 -7.14 -23.76 -17.54
N ASN B 264 -7.07 -25.04 -17.82
CA ASN B 264 -7.44 -25.89 -18.91
C ASN B 264 -8.48 -25.48 -19.96
N PRO B 265 -9.76 -25.64 -19.78
CA PRO B 265 -10.50 -26.17 -18.64
C PRO B 265 -10.82 -27.64 -19.04
N ASN B 266 -10.64 -27.82 -20.33
CA ASN B 266 -10.85 -29.11 -21.01
C ASN B 266 -9.56 -29.88 -20.71
N SER B 267 -9.52 -30.15 -19.43
CA SER B 267 -8.57 -30.78 -18.52
C SER B 267 -7.93 -32.11 -18.93
N ASP B 268 -6.94 -32.01 -19.80
CA ASP B 268 -6.10 -33.07 -20.36
C ASP B 268 -5.63 -34.06 -19.28
N LYS B 269 -6.52 -34.95 -18.88
CA LYS B 269 -6.20 -35.94 -17.83
C LYS B 269 -5.07 -36.82 -18.33
N SER B 270 -4.61 -37.73 -17.48
CA SER B 270 -3.59 -38.73 -17.89
C SER B 270 -2.25 -38.08 -18.22
N LYS B 271 -2.36 -36.88 -18.73
CA LYS B 271 -1.19 -36.03 -19.01
C LYS B 271 -0.96 -35.04 -17.84
N TRP B 272 -1.21 -35.45 -16.64
CA TRP B 272 -1.15 -35.02 -15.27
C TRP B 272 0.03 -35.76 -14.61
N LEU B 273 0.89 -35.07 -13.88
CA LEU B 273 2.11 -35.71 -13.38
C LEU B 273 2.09 -36.08 -11.90
N THR B 274 3.06 -36.93 -11.64
CA THR B 274 3.39 -37.51 -10.35
C THR B 274 4.74 -36.96 -9.92
N GLY B 275 4.80 -36.62 -8.64
CA GLY B 275 6.03 -36.05 -8.05
C GLY B 275 7.25 -36.22 -8.94
N PRO B 276 7.83 -37.41 -8.79
CA PRO B 276 9.03 -37.76 -9.55
C PRO B 276 9.01 -37.20 -10.95
N GLN B 277 7.84 -36.82 -11.42
CA GLN B 277 7.73 -36.33 -12.81
C GLN B 277 8.05 -34.84 -12.97
N LEU B 278 7.42 -34.11 -12.05
CA LEU B 278 7.43 -32.66 -11.83
C LEU B 278 8.86 -32.28 -11.43
N ALA B 279 9.39 -33.09 -10.53
CA ALA B 279 10.76 -33.06 -10.05
C ALA B 279 11.77 -32.93 -11.18
N ASP B 280 11.42 -33.45 -12.34
CA ASP B 280 12.44 -33.33 -13.44
C ASP B 280 12.39 -31.98 -14.13
N LEU B 281 11.18 -31.44 -14.24
CA LEU B 281 11.07 -30.06 -14.82
C LEU B 281 11.83 -29.11 -13.88
N TYR B 282 11.56 -29.29 -12.59
CA TYR B 282 12.22 -28.47 -11.56
C TYR B 282 13.71 -28.52 -11.86
N HIS B 283 14.26 -29.72 -11.83
CA HIS B 283 15.71 -29.93 -12.07
C HIS B 283 16.19 -29.27 -13.36
N SER B 284 15.32 -29.52 -14.35
CA SER B 284 15.69 -28.92 -15.64
C SER B 284 15.86 -27.40 -15.47
N LEU B 285 14.85 -26.75 -14.88
CA LEU B 285 14.95 -25.28 -14.77
C LEU B 285 16.18 -24.81 -13.97
N MET B 286 16.46 -25.51 -12.88
CA MET B 286 17.56 -25.16 -12.00
C MET B 286 18.90 -25.14 -12.74
N LYS B 287 19.01 -25.93 -13.82
CA LYS B 287 20.26 -26.01 -14.55
C LYS B 287 20.36 -24.87 -15.54
N ARG B 288 19.20 -24.42 -16.04
CA ARG B 288 19.31 -23.31 -17.01
C ARG B 288 19.27 -21.95 -16.31
N TYR B 289 18.75 -21.88 -15.09
CA TYR B 289 18.49 -20.56 -14.47
C TYR B 289 19.03 -20.42 -13.06
N PRO B 290 19.35 -19.20 -12.63
CA PRO B 290 19.96 -18.98 -11.31
C PRO B 290 18.89 -19.07 -10.20
N ILE B 291 18.17 -20.19 -10.12
CA ILE B 291 17.14 -20.34 -9.08
C ILE B 291 17.87 -20.62 -7.77
N VAL B 292 17.46 -20.09 -6.63
CA VAL B 292 18.21 -20.39 -5.39
C VAL B 292 17.26 -20.89 -4.31
N SER B 293 15.99 -20.74 -4.57
CA SER B 293 14.93 -21.14 -3.64
C SER B 293 13.68 -21.53 -4.43
N ILE B 294 13.04 -22.65 -4.10
CA ILE B 294 11.81 -23.15 -4.67
C ILE B 294 10.80 -23.36 -3.52
N GLU B 295 9.67 -22.67 -3.58
CA GLU B 295 8.66 -22.89 -2.54
C GLU B 295 7.55 -23.77 -3.11
N ASP B 296 6.92 -24.53 -2.25
CA ASP B 296 5.79 -25.45 -2.35
C ASP B 296 5.81 -26.23 -3.67
N PRO B 297 6.93 -26.85 -3.96
CA PRO B 297 7.10 -27.65 -5.16
C PRO B 297 6.09 -28.81 -5.33
N PHE B 298 5.55 -29.36 -4.25
CA PHE B 298 4.59 -30.48 -4.18
C PHE B 298 3.48 -30.07 -3.23
N ALA B 299 2.30 -30.69 -3.25
CA ALA B 299 1.12 -30.30 -2.46
C ALA B 299 1.25 -30.48 -0.96
N GLU B 300 0.31 -29.94 -0.18
CA GLU B 300 0.45 -29.91 1.27
C GLU B 300 0.41 -31.18 2.10
N ASP B 301 0.44 -32.33 1.44
CA ASP B 301 0.32 -33.61 2.18
C ASP B 301 1.03 -34.65 1.33
N ASP B 302 1.27 -34.28 0.08
CA ASP B 302 2.00 -35.18 -0.83
C ASP B 302 3.45 -35.35 -0.35
N TRP B 303 3.58 -35.66 0.94
CA TRP B 303 4.86 -35.84 1.65
C TRP B 303 5.83 -36.74 0.87
N GLU B 304 5.18 -37.67 0.16
CA GLU B 304 5.83 -38.62 -0.73
C GLU B 304 6.87 -37.90 -1.59
N ALA B 305 6.44 -36.99 -2.44
CA ALA B 305 7.29 -36.29 -3.42
C ALA B 305 8.25 -35.22 -2.89
N TRP B 306 7.99 -34.75 -1.67
CA TRP B 306 8.90 -33.75 -1.08
C TRP B 306 10.21 -34.48 -0.80
N SER B 307 10.18 -35.56 -0.06
CA SER B 307 11.40 -36.32 0.31
C SER B 307 12.21 -36.75 -0.91
N HIS B 308 11.32 -37.25 -1.76
CA HIS B 308 11.79 -37.76 -3.04
C HIS B 308 12.73 -36.72 -3.63
N PHE B 309 12.23 -35.52 -3.84
CA PHE B 309 12.97 -34.43 -4.51
C PHE B 309 14.19 -33.89 -3.75
N PHE B 310 13.91 -33.67 -2.49
CA PHE B 310 14.82 -33.18 -1.47
C PHE B 310 16.16 -33.91 -1.59
N LYS B 311 16.09 -35.22 -1.78
CA LYS B 311 17.27 -36.09 -1.96
C LYS B 311 18.33 -35.40 -2.84
N THR B 312 17.90 -34.92 -4.01
CA THR B 312 18.94 -34.26 -4.83
C THR B 312 18.64 -32.80 -5.21
N ALA B 313 17.76 -32.04 -4.59
CA ALA B 313 17.57 -30.67 -5.05
C ALA B 313 18.84 -29.85 -4.90
N GLY B 314 19.43 -29.77 -3.72
CA GLY B 314 20.64 -28.98 -3.55
C GLY B 314 20.52 -27.46 -3.42
N ILE B 315 19.32 -26.92 -3.42
CA ILE B 315 18.93 -25.54 -3.21
C ILE B 315 17.89 -25.59 -2.06
N GLN B 316 17.69 -24.41 -1.51
CA GLN B 316 16.73 -24.20 -0.41
C GLN B 316 15.37 -24.72 -0.86
N ILE B 317 14.70 -25.46 0.01
CA ILE B 317 13.38 -25.95 -0.47
C ILE B 317 12.41 -25.52 0.66
N VAL B 318 11.49 -24.65 0.29
CA VAL B 318 10.58 -24.00 1.23
C VAL B 318 9.21 -24.64 1.38
N ALA B 319 8.89 -24.83 2.65
CA ALA B 319 7.57 -25.41 3.10
C ALA B 319 6.65 -24.27 3.56
N ASP B 320 5.55 -24.13 2.84
CA ASP B 320 4.58 -23.08 3.13
C ASP B 320 3.31 -23.78 3.63
N ASP B 321 2.52 -24.25 2.70
CA ASP B 321 1.28 -24.95 3.06
C ASP B 321 1.50 -26.30 3.73
N LEU B 322 2.54 -27.01 3.34
CA LEU B 322 2.94 -28.31 3.84
C LEU B 322 3.13 -28.24 5.36
N THR B 323 3.49 -27.03 5.82
CA THR B 323 3.76 -26.90 7.26
C THR B 323 2.80 -26.01 8.05
N VAL B 324 2.27 -25.00 7.40
CA VAL B 324 1.42 -23.92 7.90
C VAL B 324 1.89 -23.34 9.22
N THR B 325 3.15 -23.04 9.33
CA THR B 325 3.72 -22.45 10.56
C THR B 325 3.25 -23.27 11.77
N ASN B 326 3.00 -24.56 11.60
CA ASN B 326 2.58 -25.40 12.74
C ASN B 326 3.66 -26.38 13.21
N PRO B 327 3.94 -26.32 14.51
CA PRO B 327 5.02 -27.12 15.09
C PRO B 327 4.71 -28.62 15.04
N LYS B 328 3.53 -28.86 14.48
CA LYS B 328 3.10 -30.26 14.34
C LYS B 328 3.51 -30.73 12.94
N ARG B 329 3.37 -29.86 11.95
CA ARG B 329 3.73 -30.32 10.58
C ARG B 329 5.20 -30.16 10.24
N ILE B 330 5.90 -29.34 11.00
CA ILE B 330 7.33 -29.06 10.87
C ILE B 330 8.10 -30.34 11.27
N ALA B 331 7.71 -30.83 12.44
CA ALA B 331 8.27 -32.07 13.02
C ALA B 331 8.25 -33.18 11.96
N THR B 332 7.08 -33.43 11.40
CA THR B 332 6.93 -34.43 10.32
C THR B 332 7.92 -34.14 9.20
N ALA B 333 7.81 -32.91 8.69
CA ALA B 333 8.68 -32.48 7.58
C ALA B 333 10.16 -32.69 7.85
N ILE B 334 10.54 -32.34 9.07
CA ILE B 334 11.93 -32.40 9.52
C ILE B 334 12.25 -33.91 9.55
N GLU B 335 11.31 -34.60 10.15
CA GLU B 335 11.43 -36.07 10.32
C GLU B 335 11.45 -36.80 8.98
N LYS B 336 10.60 -36.36 8.05
CA LYS B 336 10.51 -36.85 6.67
C LYS B 336 11.66 -36.32 5.81
N LYS B 337 12.40 -35.32 6.20
CA LYS B 337 13.44 -34.71 5.36
C LYS B 337 12.93 -34.26 4.00
N ALA B 338 11.79 -33.56 4.09
CA ALA B 338 11.02 -32.97 3.00
C ALA B 338 11.47 -31.61 2.48
N ALA B 339 11.91 -30.70 3.33
CA ALA B 339 12.28 -29.32 2.89
C ALA B 339 13.40 -28.83 3.80
N ASP B 340 14.00 -27.66 3.61
CA ASP B 340 15.01 -27.19 4.59
C ASP B 340 14.71 -25.76 5.01
N ALA B 341 13.55 -25.22 4.68
CA ALA B 341 13.22 -23.85 5.10
C ALA B 341 11.72 -23.78 5.37
N LEU B 342 11.36 -23.05 6.39
CA LEU B 342 9.97 -22.79 6.70
C LEU B 342 9.56 -21.40 6.22
N LEU B 343 8.42 -21.28 5.58
CA LEU B 343 7.88 -19.89 5.41
C LEU B 343 7.08 -19.72 6.73
N LEU B 344 7.34 -18.57 7.33
CA LEU B 344 6.74 -18.15 8.58
C LEU B 344 5.66 -17.12 8.34
N LYS B 345 4.43 -17.47 8.52
CA LYS B 345 3.22 -16.66 8.47
C LYS B 345 2.54 -16.70 9.86
N VAL B 346 2.87 -15.74 10.71
CA VAL B 346 2.28 -15.61 12.04
C VAL B 346 0.79 -15.95 12.11
N ASN B 347 -0.04 -15.34 11.30
CA ASN B 347 -1.49 -15.61 11.35
C ASN B 347 -1.86 -17.05 10.98
N GLN B 348 -0.96 -17.89 10.55
CA GLN B 348 -1.20 -19.27 10.18
C GLN B 348 -1.33 -20.05 11.49
N ILE B 349 -0.54 -19.63 12.48
CA ILE B 349 -0.53 -20.23 13.83
C ILE B 349 -1.41 -19.47 14.83
N GLY B 350 -1.43 -18.13 14.76
CA GLY B 350 -2.32 -17.33 15.61
C GLY B 350 -1.70 -16.57 16.78
N THR B 351 -0.53 -16.87 17.26
CA THR B 351 0.18 -16.19 18.33
C THR B 351 1.67 -16.06 17.99
N LEU B 352 2.31 -15.01 18.52
CA LEU B 352 3.72 -14.67 18.45
C LEU B 352 4.56 -15.77 19.10
N SER B 353 4.22 -16.21 20.33
CA SER B 353 5.05 -17.28 20.92
C SER B 353 5.11 -18.56 20.09
N GLU B 354 4.03 -19.00 19.49
CA GLU B 354 3.98 -20.22 18.64
C GLU B 354 4.79 -20.02 17.37
N SER B 355 4.76 -18.78 16.85
CA SER B 355 5.59 -18.45 15.66
C SER B 355 7.09 -18.53 16.03
N ILE B 356 7.39 -17.97 17.21
CA ILE B 356 8.80 -18.08 17.65
C ILE B 356 9.17 -19.52 17.92
N LYS B 357 8.48 -20.32 18.69
CA LYS B 357 8.85 -21.76 18.85
C LYS B 357 9.06 -22.45 17.49
N ALA B 358 8.18 -22.25 16.50
CA ALA B 358 8.20 -22.81 15.17
C ALA B 358 9.52 -22.45 14.47
N ALA B 359 9.90 -21.16 14.56
CA ALA B 359 11.16 -20.74 13.96
C ALA B 359 12.32 -21.37 14.74
N GLN B 360 12.09 -21.52 16.03
CA GLN B 360 13.14 -22.06 16.90
C GLN B 360 13.39 -23.52 16.59
N ASP B 361 12.31 -24.21 16.31
CA ASP B 361 12.34 -25.68 15.99
C ASP B 361 13.02 -25.87 14.63
N SER B 362 12.78 -24.97 13.70
CA SER B 362 13.42 -25.02 12.36
C SER B 362 14.93 -24.88 12.43
N PHE B 363 15.31 -23.81 13.10
CA PHE B 363 16.73 -23.49 13.34
C PHE B 363 17.40 -24.67 14.03
N ALA B 364 16.73 -25.20 15.03
CA ALA B 364 17.23 -26.40 15.75
C ALA B 364 17.62 -27.52 14.77
N ALA B 365 16.73 -27.86 13.86
CA ALA B 365 16.75 -28.89 12.83
C ALA B 365 17.70 -28.50 11.70
N GLY B 366 18.24 -27.31 11.77
CA GLY B 366 19.17 -26.79 10.77
C GLY B 366 18.51 -26.23 9.52
N TRP B 367 17.27 -25.84 9.53
CA TRP B 367 16.52 -25.25 8.42
C TRP B 367 16.67 -23.71 8.42
N GLY B 368 16.26 -23.06 7.34
CA GLY B 368 16.23 -21.58 7.28
C GLY B 368 14.76 -21.20 7.55
N VAL B 369 14.46 -19.93 7.71
CA VAL B 369 13.08 -19.45 7.94
C VAL B 369 12.88 -18.21 7.08
N MET B 370 11.88 -18.26 6.22
CA MET B 370 11.60 -17.08 5.41
C MET B 370 10.35 -16.45 6.02
N VAL B 371 10.52 -15.37 6.74
CA VAL B 371 9.34 -14.68 7.29
C VAL B 371 8.57 -14.25 6.06
N SER B 372 7.28 -14.09 6.25
CA SER B 372 6.53 -13.84 5.01
C SER B 372 5.29 -12.98 5.31
N HIS B 373 4.86 -12.31 4.27
CA HIS B 373 3.63 -11.51 4.29
C HIS B 373 2.49 -12.44 3.84
N ARG B 374 1.32 -11.87 3.70
CA ARG B 374 0.13 -12.57 3.18
C ARG B 374 -0.35 -11.81 1.95
N SER B 375 -1.26 -12.22 1.13
CA SER B 375 -1.64 -11.38 -0.04
C SER B 375 -2.42 -10.19 0.44
N GLY B 376 -3.25 -10.42 1.44
CA GLY B 376 -4.06 -9.38 2.11
C GLY B 376 -3.19 -8.78 3.22
N GLU B 377 -2.39 -7.76 2.90
CA GLU B 377 -1.49 -7.10 3.86
C GLU B 377 -2.09 -5.79 4.32
N THR B 378 -1.42 -5.10 5.24
CA THR B 378 -1.85 -3.83 5.81
C THR B 378 -0.62 -2.92 5.93
N GLU B 379 -0.81 -1.72 6.42
CA GLU B 379 0.21 -0.72 6.64
C GLU B 379 1.07 -1.10 7.84
N ASP B 380 0.65 -2.11 8.60
CA ASP B 380 1.41 -2.54 9.78
C ASP B 380 2.79 -3.02 9.31
N THR B 381 3.89 -2.77 10.01
CA THR B 381 5.21 -3.21 9.55
C THR B 381 5.84 -4.27 10.44
N PHE B 382 4.98 -4.86 11.23
CA PHE B 382 5.39 -5.86 12.22
C PHE B 382 6.42 -6.84 11.65
N ILE B 383 6.19 -7.38 10.43
CA ILE B 383 7.18 -8.41 9.97
C ILE B 383 8.59 -7.94 9.70
N ALA B 384 8.80 -6.65 9.49
CA ALA B 384 10.16 -6.03 9.34
C ALA B 384 10.99 -6.31 10.60
N ASP B 385 10.40 -5.86 11.71
CA ASP B 385 10.98 -6.07 13.07
C ASP B 385 11.18 -7.56 13.29
N LEU B 386 10.12 -8.33 13.07
CA LEU B 386 10.23 -9.77 13.34
C LEU B 386 11.36 -10.42 12.58
N VAL B 387 11.54 -10.15 11.28
CA VAL B 387 12.67 -10.77 10.55
C VAL B 387 14.01 -10.32 11.18
N VAL B 388 14.17 -9.03 11.51
CA VAL B 388 15.48 -8.66 12.14
C VAL B 388 15.50 -9.30 13.55
N GLY B 389 14.34 -9.33 14.23
CA GLY B 389 14.33 -9.94 15.56
C GLY B 389 14.83 -11.39 15.63
N LEU B 390 14.37 -12.22 14.71
CA LEU B 390 14.68 -13.65 14.65
C LEU B 390 16.00 -13.95 13.90
N ARG B 391 16.54 -12.92 13.30
CA ARG B 391 17.80 -13.17 12.56
C ARG B 391 17.63 -14.19 11.46
N THR B 392 16.60 -14.17 10.61
CA THR B 392 16.45 -15.27 9.63
C THR B 392 17.27 -15.09 8.34
N GLY B 393 17.49 -13.84 7.95
CA GLY B 393 18.36 -13.43 6.85
C GLY B 393 17.58 -13.46 5.55
N GLN B 394 16.28 -13.61 5.62
CA GLN B 394 15.47 -13.59 4.36
C GLN B 394 14.04 -13.30 4.68
N ILE B 395 13.36 -12.52 3.86
CA ILE B 395 11.98 -12.16 3.94
C ILE B 395 11.36 -12.21 2.54
N LYS B 396 10.07 -12.49 2.58
CA LYS B 396 9.25 -12.29 1.37
C LYS B 396 8.08 -11.39 1.74
N THR B 397 8.04 -10.17 1.24
CA THR B 397 6.94 -9.22 1.55
C THR B 397 6.55 -8.53 0.26
N GLY B 398 6.67 -9.22 -0.87
CA GLY B 398 6.03 -8.59 -2.08
C GLY B 398 7.01 -7.83 -2.92
N ALA B 399 6.49 -7.26 -4.00
CA ALA B 399 7.18 -6.45 -4.99
C ALA B 399 7.58 -5.13 -4.29
N PRO B 400 8.35 -4.29 -4.96
CA PRO B 400 8.68 -2.97 -4.45
C PRO B 400 7.63 -2.03 -5.03
N ALA B 401 6.37 -2.39 -4.90
CA ALA B 401 5.27 -1.54 -5.41
C ALA B 401 4.09 -1.80 -4.46
N ARG B 402 3.20 -0.83 -4.23
CA ARG B 402 2.05 -0.96 -3.32
C ARG B 402 2.60 -0.74 -1.90
N SER B 403 2.03 0.15 -1.07
CA SER B 403 2.78 0.36 0.21
C SER B 403 2.46 -0.60 1.35
N GLU B 404 1.66 -1.64 1.07
CA GLU B 404 1.50 -2.64 2.18
C GLU B 404 2.67 -3.59 2.06
N ARG B 405 3.47 -3.40 1.00
CA ARG B 405 4.71 -4.13 0.75
C ARG B 405 5.88 -3.20 1.04
N LEU B 406 5.91 -1.92 0.60
CA LEU B 406 7.02 -1.00 0.86
C LEU B 406 7.08 -0.59 2.33
N ALA B 407 5.98 -0.52 3.00
CA ALA B 407 6.01 -0.22 4.45
C ALA B 407 7.01 -1.12 5.10
N LYS B 408 6.90 -2.44 4.92
CA LYS B 408 7.94 -3.31 5.54
C LYS B 408 9.35 -3.02 5.14
N LEU B 409 9.62 -2.86 3.84
CA LEU B 409 10.91 -2.57 3.22
C LEU B 409 11.46 -1.17 3.60
N ASN B 410 10.60 -0.18 3.71
CA ASN B 410 11.00 1.14 4.19
C ASN B 410 11.46 1.07 5.66
N GLN B 411 10.80 0.18 6.36
CA GLN B 411 11.01 -0.07 7.79
C GLN B 411 12.32 -0.81 7.93
N LEU B 412 12.73 -1.61 6.98
CA LEU B 412 14.06 -2.27 7.10
C LEU B 412 15.15 -1.23 6.77
N LEU B 413 14.88 -0.20 6.00
CA LEU B 413 15.85 0.88 5.70
C LEU B 413 16.21 1.58 7.02
N ARG B 414 15.16 2.06 7.67
CA ARG B 414 15.27 2.75 8.98
C ARG B 414 15.97 1.89 10.00
N ILE B 415 15.69 0.59 9.99
CA ILE B 415 16.35 -0.28 10.91
C ILE B 415 17.80 -0.37 10.60
N GLU B 416 18.15 -0.62 9.37
CA GLU B 416 19.55 -0.83 8.97
C GLU B 416 20.35 0.42 9.35
N GLU B 417 19.71 1.58 9.20
CA GLU B 417 20.40 2.83 9.53
C GLU B 417 20.55 3.00 11.02
N GLU B 418 19.60 2.49 11.79
CA GLU B 418 19.59 2.60 13.22
C GLU B 418 20.60 1.64 13.78
N LEU B 419 20.94 0.54 13.13
CA LEU B 419 21.91 -0.40 13.75
C LEU B 419 23.33 -0.01 13.43
N GLY B 420 23.45 0.74 12.34
CA GLY B 420 24.79 1.18 11.90
C GLY B 420 25.67 -0.08 11.90
N ASP B 421 26.80 0.04 12.57
CA ASP B 421 27.83 -0.95 12.75
C ASP B 421 27.43 -2.25 13.46
N ASN B 422 26.35 -2.31 14.13
CA ASN B 422 25.79 -3.44 14.86
C ASN B 422 25.03 -4.44 13.97
N ALA B 423 24.90 -4.15 12.68
CA ALA B 423 24.18 -5.00 11.71
C ALA B 423 25.00 -5.53 10.54
N VAL B 424 24.52 -6.58 9.91
CA VAL B 424 25.08 -7.12 8.66
C VAL B 424 23.90 -7.63 7.81
N PHE B 425 24.09 -7.36 6.55
CA PHE B 425 23.31 -7.79 5.41
C PHE B 425 23.62 -9.30 5.18
N ALA B 426 22.66 -10.19 5.24
CA ALA B 426 22.78 -11.62 4.99
C ALA B 426 23.43 -11.99 3.67
N GLY B 427 23.24 -11.25 2.59
CA GLY B 427 23.79 -11.52 1.26
C GLY B 427 23.45 -12.95 0.81
N GLU B 428 24.48 -13.61 0.37
CA GLU B 428 24.61 -14.95 -0.13
C GLU B 428 24.41 -15.95 0.99
N ASN B 429 24.66 -15.57 2.23
CA ASN B 429 24.46 -16.52 3.35
C ASN B 429 23.01 -16.51 3.87
N PHE B 430 22.06 -16.15 3.06
CA PHE B 430 20.69 -16.02 3.53
C PHE B 430 20.08 -17.30 4.10
N HIS B 431 20.44 -18.46 3.60
CA HIS B 431 19.73 -19.67 4.07
C HIS B 431 19.96 -19.94 5.55
N HIS B 432 20.98 -19.31 6.09
CA HIS B 432 21.44 -19.47 7.48
C HIS B 432 21.85 -18.20 8.19
N GLY B 433 21.05 -17.16 8.03
CA GLY B 433 21.32 -15.89 8.67
C GLY B 433 21.38 -16.01 10.20
N ASP B 434 20.75 -17.02 10.76
CA ASP B 434 20.73 -17.21 12.22
C ASP B 434 22.11 -17.62 12.72
N LYS B 435 22.82 -18.39 11.91
CA LYS B 435 24.15 -18.89 12.31
C LYS B 435 25.23 -18.00 11.76
N LEU B 436 24.90 -16.84 11.28
CA LEU B 436 25.89 -15.89 10.76
C LEU B 436 26.65 -15.31 11.95
MG MG C . -6.39 15.43 -11.05
LI LI D . -2.66 15.12 -11.43
C1 2PG E . -4.44 13.81 -10.25
C2 2PG E . -3.59 13.06 -9.28
C3 2PG E . -4.25 12.13 -8.17
P 2PG E . -1.03 12.78 -10.07
O1 2PG E . -4.29 13.94 -11.50
O2 2PG E . -5.42 14.39 -9.65
O3 2PG E . -5.06 10.92 -8.47
O1P 2PG E . -2.62 12.23 -10.07
O2P 2PG E . -0.46 12.70 -8.68
O3P 2PG E . -0.16 11.71 -10.83
O4P 2PG E . -1.09 14.25 -10.62
MG MG F . 3.31 -19.58 -0.86
C1 PEP G . 1.93 -17.39 -0.21
O1 PEP G . 3.14 -17.43 0.20
O2' PEP G . 1.29 -18.26 -0.66
C2 PEP G . 1.27 -16.05 0.13
C3 PEP G . 1.95 -14.92 0.41
O2 PEP G . -0.08 -16.13 -0.17
P PEP G . -1.29 -16.17 0.85
O1P PEP G . -2.54 -15.97 0.09
O2P PEP G . -1.14 -15.13 1.91
O3P PEP G . -0.97 -17.56 1.49
#